data_4LI1
#
_entry.id   4LI1
#
_cell.length_a   60.290
_cell.length_b   158.582
_cell.length_c   227.609
_cell.angle_alpha   90.000
_cell.angle_beta   90.000
_cell.angle_gamma   90.000
#
_symmetry.space_group_name_H-M   'C 2 2 21'
#
loop_
_entity.id
_entity.type
_entity.pdbx_description
1 polymer 'Leucine-rich repeat-containing G-protein coupled receptor 4'
2 non-polymer 2-acetamido-2-deoxy-beta-D-glucopyranose
3 water water
#
_entity_poly.entity_id   1
_entity_poly.type   'polypeptide(L)'
_entity_poly.pdbx_seq_one_letter_code
;SGVSSPAPCPAPCACDLDGGADCSGKGLVTVPDGLSVFTHSLDLSMNNITKLPEGAFKGFPYLEELRLAGNDLSIIHPMA
LSGLKELKVLTLQNNQLKTVPSESLKGLVSLQSLRLDANHIVTVPEDSFEGLVQLRHLWLDDNSLTEVPIRPLSNLPSLQ
ALTLALNKISHIPDYAFSNLSSLVVLHLHNNKIRTLGPHCFHGLDNLEALDLNYNNLIDFPDSIRSLPNLKELGFHSNSI
TIIPDGAFVKNPLLRTIHLYDNPLSFVGNSAFQNLSDLHFLIIRGASNVQWFPNLTGTNNLESLTLTGTKIRSIPIKFCQ
EQKMLRTLDLSYNEISALVGFEGCSSLEEVYLQNNQIQEVQNETFQGLAALRMLDLSRNRIHTIHKEAFVTLKALTNLDL
SFNDLTAFPTAGLHGLNQLKLTGNPNFKETLT
;
_entity_poly.pdbx_strand_id   B,A
#
loop_
_chem_comp.id
_chem_comp.type
_chem_comp.name
_chem_comp.formula
NAG D-saccharide, beta linking 2-acetamido-2-deoxy-beta-D-glucopyranose 'C8 H15 N O6'
#
# COMPACT_ATOMS: atom_id res chain seq x y z
N ALA A 7 -34.28 4.78 -9.65
CA ALA A 7 -34.04 4.01 -10.87
C ALA A 7 -34.33 2.53 -10.64
N PRO A 8 -34.93 1.87 -11.64
CA PRO A 8 -35.47 0.51 -11.53
C PRO A 8 -34.43 -0.61 -11.42
N CYS A 9 -33.90 -0.82 -10.23
CA CYS A 9 -32.97 -1.92 -9.98
C CYS A 9 -33.73 -3.23 -9.75
N PRO A 10 -33.52 -4.22 -10.64
CA PRO A 10 -34.12 -5.55 -10.50
C PRO A 10 -33.61 -6.28 -9.26
N ALA A 11 -34.32 -7.34 -8.86
CA ALA A 11 -34.10 -8.02 -7.56
C ALA A 11 -32.68 -8.55 -7.23
N PRO A 12 -32.06 -9.32 -8.15
CA PRO A 12 -30.73 -9.82 -7.78
C PRO A 12 -29.70 -8.69 -7.70
N CYS A 13 -29.91 -7.67 -8.52
CA CYS A 13 -28.96 -6.59 -8.70
C CYS A 13 -28.86 -5.62 -7.53
N ALA A 14 -27.75 -4.91 -7.48
CA ALA A 14 -27.60 -3.76 -6.62
C ALA A 14 -27.14 -2.62 -7.52
N CYS A 15 -27.96 -1.59 -7.65
CA CYS A 15 -27.66 -0.49 -8.55
C CYS A 15 -27.24 0.78 -7.78
N ASP A 16 -26.20 1.43 -8.29
CA ASP A 16 -25.68 2.67 -7.72
C ASP A 16 -26.20 3.94 -8.42
N LEU A 17 -25.60 5.07 -8.07
CA LEU A 17 -26.04 6.39 -8.52
C LEU A 17 -25.53 6.81 -9.90
N ASP A 18 -24.48 6.14 -10.38
CA ASP A 18 -23.82 6.49 -11.64
C ASP A 18 -24.26 5.64 -12.84
N GLY A 19 -25.16 4.69 -12.59
CA GLY A 19 -25.64 3.82 -13.65
C GLY A 19 -24.99 2.44 -13.65
N GLY A 20 -24.30 2.12 -12.57
CA GLY A 20 -23.73 0.79 -12.44
C GLY A 20 -24.78 -0.17 -11.93
N ALA A 21 -24.73 -1.41 -12.41
CA ALA A 21 -25.64 -2.43 -11.93
C ALA A 21 -24.82 -3.67 -11.67
N ASP A 22 -24.86 -4.15 -10.43
CA ASP A 22 -24.08 -5.33 -10.06
C ASP A 22 -25.04 -6.49 -9.90
N CYS A 23 -25.09 -7.35 -10.90
CA CYS A 23 -25.93 -8.55 -10.87
C CYS A 23 -25.11 -9.78 -10.53
N SER A 24 -23.83 -9.56 -10.23
CA SER A 24 -22.87 -10.64 -10.05
C SER A 24 -23.21 -11.64 -8.94
N GLY A 25 -22.98 -12.91 -9.24
CA GLY A 25 -22.98 -13.96 -8.22
C GLY A 25 -24.32 -14.57 -7.88
N LYS A 26 -25.37 -14.19 -8.62
CA LYS A 26 -26.72 -14.69 -8.38
C LYS A 26 -27.15 -15.89 -9.23
N GLY A 27 -26.24 -16.44 -10.01
CA GLY A 27 -26.49 -17.66 -10.75
C GLY A 27 -27.42 -17.51 -11.93
N LEU A 28 -27.52 -16.27 -12.45
CA LEU A 28 -28.32 -15.95 -13.63
C LEU A 28 -27.91 -16.76 -14.87
N VAL A 29 -28.89 -17.28 -15.62
CA VAL A 29 -28.59 -17.89 -16.93
C VAL A 29 -28.90 -16.99 -18.14
N THR A 30 -29.50 -15.84 -17.89
CA THR A 30 -29.75 -14.82 -18.94
C THR A 30 -29.78 -13.42 -18.34
N VAL A 31 -29.72 -12.42 -19.22
CA VAL A 31 -29.72 -11.03 -18.79
C VAL A 31 -31.04 -10.74 -18.11
N PRO A 32 -30.99 -10.08 -16.95
CA PRO A 32 -32.20 -9.71 -16.23
C PRO A 32 -33.01 -8.65 -16.96
N ASP A 33 -34.33 -8.83 -16.96
CA ASP A 33 -35.22 -7.84 -17.54
C ASP A 33 -35.63 -6.89 -16.41
N GLY A 34 -35.80 -5.61 -16.74
CA GLY A 34 -36.13 -4.62 -15.74
C GLY A 34 -34.94 -3.77 -15.37
N LEU A 35 -33.82 -4.08 -16.01
CA LEU A 35 -32.61 -3.27 -15.85
C LEU A 35 -32.78 -1.96 -16.60
N SER A 36 -32.31 -0.87 -16.00
CA SER A 36 -32.50 0.46 -16.59
C SER A 36 -31.88 0.62 -17.98
N VAL A 37 -32.55 1.38 -18.82
CA VAL A 37 -32.10 1.68 -20.17
C VAL A 37 -30.89 2.63 -20.10
N PHE A 38 -30.70 3.26 -18.94
CA PHE A 38 -29.60 4.21 -18.74
C PHE A 38 -28.36 3.58 -18.13
N THR A 39 -28.37 2.26 -17.98
CA THR A 39 -27.24 1.57 -17.40
C THR A 39 -25.95 1.92 -18.14
N HIS A 40 -25.00 2.48 -17.40
CA HIS A 40 -23.66 2.74 -17.88
C HIS A 40 -22.70 1.56 -17.71
N SER A 41 -22.87 0.81 -16.63
CA SER A 41 -22.03 -0.34 -16.34
C SER A 41 -22.85 -1.53 -15.93
N LEU A 42 -22.57 -2.69 -16.52
CA LEU A 42 -23.31 -3.90 -16.17
C LEU A 42 -22.36 -5.05 -15.80
N ASP A 43 -22.43 -5.48 -14.54
CA ASP A 43 -21.61 -6.61 -14.10
C ASP A 43 -22.45 -7.88 -14.04
N LEU A 44 -22.27 -8.76 -15.02
CA LEU A 44 -22.93 -10.07 -15.09
C LEU A 44 -22.05 -11.24 -14.65
N SER A 45 -20.90 -10.90 -14.08
CA SER A 45 -19.91 -11.91 -13.73
C SER A 45 -20.37 -12.90 -12.68
N MET A 46 -19.73 -14.07 -12.66
CA MET A 46 -19.97 -15.08 -11.63
C MET A 46 -21.38 -15.65 -11.66
N ASN A 47 -22.04 -15.55 -12.80
CA ASN A 47 -23.37 -16.15 -12.95
C ASN A 47 -23.29 -17.43 -13.78
N ASN A 48 -24.42 -18.10 -13.95
CA ASN A 48 -24.41 -19.39 -14.63
C ASN A 48 -24.70 -19.34 -16.12
N ILE A 49 -24.71 -18.12 -16.68
CA ILE A 49 -25.05 -17.94 -18.09
C ILE A 49 -24.18 -18.82 -18.98
N THR A 50 -24.85 -19.67 -19.75
CA THR A 50 -24.19 -20.62 -20.60
C THR A 50 -23.98 -19.98 -21.96
N LYS A 51 -25.06 -19.57 -22.61
CA LYS A 51 -24.97 -18.74 -23.80
C LYS A 51 -25.88 -17.52 -23.68
N LEU A 52 -25.74 -16.58 -24.61
CA LEU A 52 -26.62 -15.42 -24.65
C LEU A 52 -27.02 -15.07 -26.08
N PRO A 53 -28.29 -14.66 -26.26
CA PRO A 53 -28.92 -14.52 -27.57
C PRO A 53 -28.64 -13.18 -28.24
N GLU A 54 -29.12 -13.03 -29.47
CA GLU A 54 -28.89 -11.80 -30.24
C GLU A 54 -29.53 -10.56 -29.61
N GLY A 55 -28.75 -9.49 -29.51
CA GLY A 55 -29.23 -8.22 -29.01
C GLY A 55 -29.60 -8.20 -27.54
N ALA A 56 -29.03 -9.12 -26.77
CA ALA A 56 -29.31 -9.17 -25.34
C ALA A 56 -29.01 -7.83 -24.68
N PHE A 57 -28.02 -7.12 -25.23
CA PHE A 57 -27.64 -5.79 -24.76
C PHE A 57 -28.12 -4.62 -25.63
N LYS A 58 -28.91 -4.95 -26.65
CA LYS A 58 -29.50 -3.96 -27.55
C LYS A 58 -30.27 -2.84 -26.83
N GLY A 59 -30.92 -3.18 -25.72
CA GLY A 59 -31.66 -2.19 -24.95
C GLY A 59 -30.83 -1.41 -23.93
N PHE A 60 -29.51 -1.46 -24.07
CA PHE A 60 -28.64 -0.63 -23.25
C PHE A 60 -27.81 0.27 -24.14
N PRO A 61 -28.39 1.39 -24.59
CA PRO A 61 -27.68 2.25 -25.55
C PRO A 61 -26.47 2.96 -24.95
N TYR A 62 -26.50 3.19 -23.64
CA TYR A 62 -25.42 3.91 -22.97
C TYR A 62 -24.37 3.03 -22.29
N LEU A 63 -24.43 1.70 -22.50
CA LEU A 63 -23.63 0.78 -21.71
C LEU A 63 -22.14 0.94 -22.05
N GLU A 64 -21.37 1.37 -21.05
CA GLU A 64 -19.94 1.56 -21.22
C GLU A 64 -19.11 0.32 -20.93
N GLU A 65 -19.51 -0.40 -19.90
CA GLU A 65 -18.74 -1.52 -19.39
C GLU A 65 -19.61 -2.74 -19.23
N LEU A 66 -19.09 -3.88 -19.68
CA LEU A 66 -19.83 -5.13 -19.63
C LEU A 66 -18.92 -6.23 -19.16
N ARG A 67 -19.26 -6.80 -18.00
CA ARG A 67 -18.43 -7.86 -17.44
C ARG A 67 -19.20 -9.18 -17.47
N LEU A 68 -18.79 -10.05 -18.39
CA LEU A 68 -19.32 -11.42 -18.52
C LEU A 68 -18.42 -12.50 -17.92
N ALA A 69 -17.33 -12.09 -17.29
CA ALA A 69 -16.35 -13.03 -16.77
C ALA A 69 -16.93 -14.01 -15.76
N GLY A 70 -16.50 -15.26 -15.83
CA GLY A 70 -16.85 -16.24 -14.81
C GLY A 70 -18.21 -16.88 -15.00
N ASN A 71 -18.64 -16.98 -16.25
CA ASN A 71 -19.82 -17.77 -16.59
C ASN A 71 -19.35 -19.07 -17.20
N ASP A 72 -20.30 -19.87 -17.68
CA ASP A 72 -19.99 -21.10 -18.41
C ASP A 72 -19.86 -20.82 -19.91
N LEU A 73 -19.82 -19.55 -20.30
CA LEU A 73 -20.04 -19.17 -21.71
C LEU A 73 -19.23 -19.96 -22.73
N SER A 74 -19.94 -20.53 -23.71
CA SER A 74 -19.35 -21.49 -24.63
C SER A 74 -19.05 -20.87 -25.98
N ILE A 75 -20.10 -20.48 -26.71
CA ILE A 75 -19.93 -19.67 -27.92
C ILE A 75 -21.01 -18.56 -27.86
N ILE A 76 -20.92 -17.53 -28.72
CA ILE A 76 -21.87 -16.44 -28.64
C ILE A 76 -22.41 -15.98 -30.00
N HIS A 77 -23.71 -15.75 -30.05
CA HIS A 77 -24.39 -15.33 -31.26
C HIS A 77 -23.72 -14.06 -31.78
N PRO A 78 -23.29 -14.06 -33.05
CA PRO A 78 -22.60 -12.93 -33.69
C PRO A 78 -23.35 -11.61 -33.52
N MET A 79 -24.64 -11.68 -33.26
CA MET A 79 -25.46 -10.48 -33.07
C MET A 79 -25.72 -10.10 -31.60
N ALA A 80 -25.13 -10.85 -30.67
CA ALA A 80 -25.37 -10.64 -29.24
C ALA A 80 -24.89 -9.29 -28.68
N LEU A 81 -23.81 -8.78 -29.27
CA LEU A 81 -23.22 -7.49 -28.89
C LEU A 81 -23.59 -6.32 -29.81
N SER A 82 -24.53 -6.54 -30.71
CA SER A 82 -24.90 -5.56 -31.74
C SER A 82 -25.21 -4.15 -31.23
N GLY A 83 -25.90 -4.06 -30.09
CA GLY A 83 -26.26 -2.76 -29.58
C GLY A 83 -25.11 -1.78 -29.38
N LEU A 84 -23.96 -2.26 -28.92
CA LEU A 84 -23.16 -1.41 -28.07
C LEU A 84 -21.99 -0.72 -28.71
N LYS A 85 -22.20 0.53 -29.11
CA LYS A 85 -21.16 1.32 -29.75
C LYS A 85 -20.49 2.21 -28.72
N GLU A 86 -21.04 2.18 -27.50
CA GLU A 86 -20.47 2.98 -26.44
C GLU A 86 -19.58 2.16 -25.53
N LEU A 87 -19.54 0.85 -25.72
CA LEU A 87 -18.95 -0.04 -24.73
C LEU A 87 -17.46 0.04 -24.79
N LYS A 88 -16.83 0.52 -23.73
CA LYS A 88 -15.38 0.65 -23.72
C LYS A 88 -14.64 -0.52 -23.09
N VAL A 89 -15.31 -1.28 -22.24
CA VAL A 89 -14.64 -2.39 -21.58
C VAL A 89 -15.51 -3.63 -21.60
N LEU A 90 -14.87 -4.75 -21.96
CA LEU A 90 -15.57 -6.00 -22.12
C LEU A 90 -14.71 -7.08 -21.50
N THR A 91 -15.26 -7.82 -20.55
CA THR A 91 -14.47 -8.89 -19.98
C THR A 91 -15.17 -10.23 -20.17
N LEU A 92 -14.59 -11.07 -21.01
CA LEU A 92 -15.06 -12.43 -21.21
C LEU A 92 -14.26 -13.53 -20.48
N GLN A 93 -13.27 -13.14 -19.67
CA GLN A 93 -12.34 -14.13 -19.11
C GLN A 93 -13.00 -15.17 -18.22
N ASN A 94 -12.35 -16.33 -18.07
CA ASN A 94 -12.83 -17.43 -17.24
C ASN A 94 -14.08 -18.13 -17.76
N ASN A 95 -14.14 -18.28 -19.07
CA ASN A 95 -15.25 -18.94 -19.73
C ASN A 95 -14.73 -20.08 -20.59
N GLN A 96 -15.64 -20.67 -21.36
CA GLN A 96 -15.36 -21.85 -22.18
C GLN A 96 -15.05 -21.58 -23.65
N LEU A 97 -14.86 -20.32 -24.03
CA LEU A 97 -14.66 -19.98 -25.45
C LEU A 97 -13.54 -20.80 -26.10
N LYS A 98 -13.87 -21.48 -27.18
CA LYS A 98 -12.91 -22.34 -27.87
C LYS A 98 -12.20 -21.56 -28.96
N THR A 99 -12.73 -20.38 -29.27
CA THR A 99 -12.25 -19.63 -30.41
C THR A 99 -12.53 -18.17 -30.14
N VAL A 100 -11.75 -17.28 -30.74
CA VAL A 100 -12.01 -15.85 -30.57
C VAL A 100 -13.28 -15.52 -31.32
N PRO A 101 -14.28 -14.99 -30.61
CA PRO A 101 -15.59 -14.61 -31.17
C PRO A 101 -15.51 -13.40 -32.11
N SER A 102 -14.76 -13.51 -33.20
CA SER A 102 -14.51 -12.38 -34.09
C SER A 102 -15.76 -11.64 -34.60
N GLU A 103 -16.84 -12.36 -34.90
CA GLU A 103 -18.04 -11.74 -35.46
C GLU A 103 -18.83 -10.91 -34.42
N SER A 104 -18.88 -11.43 -33.20
CA SER A 104 -19.52 -10.75 -32.09
C SER A 104 -18.84 -9.42 -31.79
N LEU A 105 -17.55 -9.33 -32.06
CA LEU A 105 -16.78 -8.13 -31.70
C LEU A 105 -16.82 -7.05 -32.78
N LYS A 106 -17.49 -7.33 -33.90
CA LYS A 106 -17.63 -6.34 -34.98
C LYS A 106 -18.53 -5.17 -34.59
N GLY A 107 -18.04 -3.96 -34.86
CA GLY A 107 -18.80 -2.78 -34.49
C GLY A 107 -18.54 -2.23 -33.10
N LEU A 108 -17.73 -2.87 -32.26
CA LEU A 108 -17.54 -2.27 -30.95
C LEU A 108 -16.38 -1.31 -31.13
N VAL A 109 -16.77 -0.09 -31.43
CA VAL A 109 -15.93 0.90 -32.03
C VAL A 109 -15.34 1.76 -30.91
N SER A 110 -15.90 1.59 -29.71
CA SER A 110 -15.43 2.36 -28.58
C SER A 110 -14.52 1.55 -27.65
N LEU A 111 -14.37 0.27 -27.94
CA LEU A 111 -13.77 -0.69 -27.01
C LEU A 111 -12.29 -0.37 -26.80
N GLN A 112 -11.91 -0.13 -25.54
CA GLN A 112 -10.52 0.04 -25.15
C GLN A 112 -9.86 -1.16 -24.44
N SER A 113 -10.68 -2.06 -23.91
CA SER A 113 -10.21 -3.18 -23.11
C SER A 113 -11.01 -4.41 -23.43
N LEU A 114 -10.28 -5.47 -23.74
CA LEU A 114 -10.90 -6.72 -24.11
C LEU A 114 -10.17 -7.82 -23.38
N ARG A 115 -10.94 -8.53 -22.56
CA ARG A 115 -10.37 -9.65 -21.84
C ARG A 115 -10.95 -10.94 -22.40
N LEU A 116 -10.13 -11.62 -23.19
CA LEU A 116 -10.39 -12.98 -23.64
C LEU A 116 -9.55 -14.00 -22.85
N ASP A 117 -8.81 -13.52 -21.85
CA ASP A 117 -7.87 -14.34 -21.09
C ASP A 117 -8.59 -15.44 -20.29
N ALA A 118 -7.84 -16.46 -19.88
CA ALA A 118 -8.36 -17.52 -19.01
C ALA A 118 -9.50 -18.33 -19.63
N ASN A 119 -9.38 -18.61 -20.92
CA ASN A 119 -10.37 -19.38 -21.65
C ASN A 119 -9.71 -20.55 -22.34
N HIS A 120 -10.45 -21.26 -23.18
CA HIS A 120 -9.92 -22.40 -23.91
C HIS A 120 -9.49 -22.18 -25.37
N ILE A 121 -9.44 -20.92 -25.80
CA ILE A 121 -9.30 -20.56 -27.21
C ILE A 121 -8.11 -21.23 -27.93
N VAL A 122 -8.40 -22.00 -28.97
CA VAL A 122 -7.43 -22.56 -29.91
C VAL A 122 -7.10 -21.65 -31.09
N THR A 123 -8.13 -21.04 -31.65
CA THR A 123 -8.01 -20.33 -32.91
C THR A 123 -8.55 -18.91 -32.89
N VAL A 124 -7.82 -18.02 -33.54
CA VAL A 124 -8.19 -16.62 -33.70
C VAL A 124 -8.40 -16.33 -35.17
N PRO A 125 -9.64 -16.15 -35.61
CA PRO A 125 -9.95 -15.89 -37.03
C PRO A 125 -9.24 -14.65 -37.59
N GLU A 126 -9.06 -14.60 -38.91
CA GLU A 126 -8.21 -13.58 -39.53
C GLU A 126 -8.82 -12.18 -39.53
N ASP A 127 -10.14 -12.12 -39.41
CA ASP A 127 -10.87 -10.85 -39.40
C ASP A 127 -11.06 -10.38 -37.96
N SER A 128 -10.49 -11.11 -37.02
CA SER A 128 -10.68 -10.81 -35.60
C SER A 128 -10.18 -9.42 -35.27
N PHE A 129 -10.98 -8.71 -34.46
CA PHE A 129 -10.67 -7.37 -33.97
C PHE A 129 -10.63 -6.36 -35.09
N GLU A 130 -11.43 -6.63 -36.12
CA GLU A 130 -11.29 -5.91 -37.39
C GLU A 130 -11.39 -4.40 -37.26
N GLY A 131 -12.38 -3.91 -36.53
CA GLY A 131 -12.52 -2.46 -36.47
C GLY A 131 -12.16 -1.82 -35.14
N LEU A 132 -11.49 -2.55 -34.24
CA LEU A 132 -11.42 -1.96 -32.94
C LEU A 132 -10.17 -1.08 -32.96
N VAL A 133 -10.39 0.17 -33.33
CA VAL A 133 -9.30 1.10 -33.57
C VAL A 133 -9.09 1.98 -32.34
N GLN A 134 -9.96 1.79 -31.35
CA GLN A 134 -9.82 2.42 -30.06
C GLN A 134 -9.23 1.46 -29.03
N LEU A 135 -9.00 0.21 -29.43
CA LEU A 135 -8.57 -0.83 -28.48
C LEU A 135 -7.18 -0.59 -27.91
N ARG A 136 -7.06 -0.71 -26.60
CA ARG A 136 -5.86 -0.37 -25.83
C ARG A 136 -5.24 -1.62 -25.18
N HIS A 137 -6.05 -2.37 -24.48
CA HIS A 137 -5.59 -3.50 -23.72
C HIS A 137 -6.24 -4.75 -24.26
N LEU A 138 -5.40 -5.71 -24.62
CA LEU A 138 -5.89 -6.97 -25.12
C LEU A 138 -5.25 -8.11 -24.34
N TRP A 139 -6.12 -8.93 -23.73
CA TRP A 139 -5.68 -10.05 -22.93
C TRP A 139 -6.06 -11.33 -23.64
N LEU A 140 -5.08 -11.93 -24.28
CA LEU A 140 -5.23 -13.25 -24.85
C LEU A 140 -4.61 -14.39 -24.03
N ASP A 141 -4.08 -14.07 -22.84
CA ASP A 141 -3.32 -15.06 -22.09
C ASP A 141 -4.16 -16.22 -21.52
N ASP A 142 -3.46 -17.20 -20.94
CA ASP A 142 -4.04 -18.44 -20.43
C ASP A 142 -4.96 -19.20 -21.41
N ASN A 143 -4.54 -19.32 -22.67
CA ASN A 143 -5.30 -20.07 -23.67
C ASN A 143 -4.44 -21.13 -24.36
N SER A 144 -5.00 -21.74 -25.41
CA SER A 144 -4.35 -22.81 -26.20
C SER A 144 -3.69 -22.41 -27.53
N LEU A 145 -3.48 -21.11 -27.74
CA LEU A 145 -2.88 -20.59 -28.98
C LEU A 145 -1.52 -21.22 -29.35
N THR A 146 -1.40 -21.75 -30.56
CA THR A 146 -0.11 -22.29 -31.02
C THR A 146 0.71 -21.34 -31.91
N GLU A 147 0.16 -20.18 -32.23
CA GLU A 147 0.88 -19.17 -33.01
C GLU A 147 0.44 -17.77 -32.57
N VAL A 148 1.22 -16.76 -32.89
CA VAL A 148 0.78 -15.40 -32.65
C VAL A 148 -0.11 -15.00 -33.83
N PRO A 149 -1.26 -14.38 -33.53
CA PRO A 149 -2.29 -14.11 -34.55
C PRO A 149 -1.90 -12.90 -35.35
N ILE A 150 -0.96 -13.04 -36.28
CA ILE A 150 -0.35 -11.88 -36.95
C ILE A 150 -1.42 -10.94 -37.50
N ARG A 151 -2.29 -11.51 -38.31
CA ARG A 151 -3.25 -10.72 -39.06
C ARG A 151 -4.32 -10.02 -38.22
N PRO A 152 -4.96 -10.75 -37.26
CA PRO A 152 -5.79 -9.97 -36.35
C PRO A 152 -5.05 -8.80 -35.71
N LEU A 153 -3.84 -9.04 -35.16
CA LEU A 153 -3.09 -7.96 -34.50
C LEU A 153 -2.79 -6.75 -35.40
N SER A 154 -2.63 -6.95 -36.70
CA SER A 154 -2.44 -5.79 -37.60
C SER A 154 -3.66 -4.83 -37.64
N ASN A 155 -4.78 -5.23 -37.05
CA ASN A 155 -5.99 -4.44 -37.05
C ASN A 155 -6.10 -3.45 -35.89
N LEU A 156 -5.01 -3.35 -35.11
CA LEU A 156 -5.05 -2.68 -33.81
C LEU A 156 -4.00 -1.57 -33.64
N PRO A 157 -4.11 -0.49 -34.41
CA PRO A 157 -3.08 0.55 -34.40
C PRO A 157 -2.93 1.25 -33.05
N SER A 158 -3.95 1.17 -32.20
CA SER A 158 -3.94 1.91 -30.94
C SER A 158 -3.51 1.09 -29.72
N LEU A 159 -3.29 -0.21 -29.92
CA LEU A 159 -3.04 -1.10 -28.81
C LEU A 159 -1.78 -0.67 -28.05
N GLN A 160 -1.92 -0.46 -26.73
CA GLN A 160 -0.77 -0.20 -25.84
C GLN A 160 -0.28 -1.39 -25.01
N ALA A 161 -1.13 -2.41 -24.86
CA ALA A 161 -0.80 -3.53 -23.99
C ALA A 161 -1.33 -4.85 -24.52
N LEU A 162 -0.43 -5.82 -24.66
CA LEU A 162 -0.81 -7.15 -25.18
C LEU A 162 -0.25 -8.28 -24.31
N THR A 163 -1.14 -9.18 -23.89
CA THR A 163 -0.63 -10.42 -23.28
C THR A 163 -1.03 -11.65 -24.09
N LEU A 164 -0.02 -12.28 -24.68
CA LEU A 164 -0.17 -13.57 -25.37
C LEU A 164 0.27 -14.68 -24.42
N ALA A 165 0.53 -14.32 -23.16
CA ALA A 165 1.22 -15.20 -22.21
C ALA A 165 0.44 -16.47 -21.90
N LEU A 166 1.12 -17.45 -21.31
CA LEU A 166 0.51 -18.74 -20.98
C LEU A 166 -0.19 -19.39 -22.15
N ASN A 167 0.48 -19.40 -23.29
CA ASN A 167 -0.01 -20.13 -24.46
C ASN A 167 1.05 -21.08 -24.97
N LYS A 168 0.76 -21.73 -26.10
CA LYS A 168 1.62 -22.74 -26.73
C LYS A 168 2.49 -22.23 -27.88
N ILE A 169 2.60 -20.91 -28.06
CA ILE A 169 3.38 -20.37 -29.18
C ILE A 169 4.83 -20.89 -29.20
N SER A 170 5.25 -21.51 -30.31
CA SER A 170 6.66 -21.89 -30.42
C SER A 170 7.58 -21.01 -31.29
N HIS A 171 7.01 -20.16 -32.14
CA HIS A 171 7.83 -19.40 -33.09
C HIS A 171 7.26 -18.04 -33.36
N ILE A 172 8.10 -17.03 -33.29
CA ILE A 172 7.67 -15.69 -33.64
C ILE A 172 8.46 -15.32 -34.88
N PRO A 173 7.74 -15.21 -36.02
CA PRO A 173 8.22 -14.92 -37.36
C PRO A 173 8.56 -13.46 -37.45
N ASP A 174 9.31 -13.05 -38.46
CA ASP A 174 9.60 -11.64 -38.64
C ASP A 174 8.33 -10.87 -38.89
N TYR A 175 8.30 -9.62 -38.41
CA TYR A 175 7.21 -8.67 -38.65
C TYR A 175 5.86 -9.10 -38.07
N ALA A 176 5.87 -9.92 -37.04
CA ALA A 176 4.65 -10.43 -36.45
C ALA A 176 3.81 -9.29 -35.84
N PHE A 177 4.48 -8.48 -35.03
CA PHE A 177 3.89 -7.36 -34.30
C PHE A 177 4.02 -6.05 -35.05
N SER A 178 4.36 -6.17 -36.33
CA SER A 178 4.79 -5.01 -37.12
C SER A 178 3.84 -3.82 -37.19
N ASN A 179 2.54 -4.07 -36.99
CA ASN A 179 1.59 -2.98 -37.05
C ASN A 179 1.16 -2.39 -35.69
N LEU A 180 1.76 -2.81 -34.58
CA LEU A 180 1.36 -2.15 -33.35
C LEU A 180 2.40 -1.12 -32.97
N SER A 181 2.23 0.11 -33.42
CA SER A 181 3.30 1.07 -33.23
C SER A 181 3.03 1.88 -31.98
N SER A 182 1.88 1.62 -31.37
CA SER A 182 1.56 2.23 -30.09
C SER A 182 1.84 1.33 -28.89
N LEU A 183 2.30 0.10 -29.13
CA LEU A 183 2.46 -0.91 -28.07
C LEU A 183 3.59 -0.52 -27.12
N VAL A 184 3.27 -0.44 -25.82
CA VAL A 184 4.29 -0.18 -24.80
C VAL A 184 4.68 -1.42 -23.99
N VAL A 185 3.80 -2.42 -23.99
CA VAL A 185 3.93 -3.58 -23.10
C VAL A 185 3.61 -4.90 -23.80
N LEU A 186 4.61 -5.79 -23.91
CA LEU A 186 4.42 -7.07 -24.60
C LEU A 186 4.78 -8.26 -23.72
N HIS A 187 3.77 -9.07 -23.37
CA HIS A 187 3.98 -10.23 -22.49
C HIS A 187 3.83 -11.53 -23.22
N LEU A 188 4.98 -12.18 -23.43
CA LEU A 188 5.09 -13.50 -24.03
C LEU A 188 5.38 -14.63 -23.04
N HIS A 189 5.40 -14.30 -21.75
CA HIS A 189 5.87 -15.26 -20.76
C HIS A 189 5.09 -16.58 -20.73
N ASN A 190 5.75 -17.65 -20.31
CA ASN A 190 5.15 -18.99 -20.25
C ASN A 190 4.60 -19.56 -21.56
N ASN A 191 5.34 -19.36 -22.63
CA ASN A 191 5.06 -20.03 -23.87
C ASN A 191 6.10 -21.13 -24.08
N LYS A 192 6.06 -21.78 -25.22
CA LYS A 192 7.08 -22.77 -25.59
C LYS A 192 8.13 -22.21 -26.56
N ILE A 193 8.18 -20.88 -26.71
CA ILE A 193 8.98 -20.28 -27.78
C ILE A 193 10.45 -20.71 -27.74
N ARG A 194 10.89 -21.41 -28.80
CA ARG A 194 12.30 -21.76 -28.93
C ARG A 194 13.03 -20.89 -29.97
N THR A 195 12.28 -20.13 -30.74
CA THR A 195 12.88 -19.43 -31.88
C THR A 195 12.21 -18.07 -32.10
N LEU A 196 13.03 -17.05 -32.33
CA LEU A 196 12.53 -15.73 -32.61
C LEU A 196 13.19 -15.23 -33.87
N GLY A 197 12.39 -15.00 -34.90
CA GLY A 197 12.90 -14.43 -36.13
C GLY A 197 13.61 -13.13 -35.81
N PRO A 198 14.76 -12.88 -36.47
CA PRO A 198 15.60 -11.70 -36.22
C PRO A 198 14.80 -10.39 -36.20
N HIS A 199 13.81 -10.32 -37.09
CA HIS A 199 12.92 -9.18 -37.23
C HIS A 199 11.53 -9.30 -36.60
N CYS A 200 11.32 -10.32 -35.78
CA CYS A 200 10.04 -10.52 -35.12
C CYS A 200 9.51 -9.31 -34.33
N PHE A 201 10.37 -8.44 -33.82
CA PHE A 201 9.94 -7.21 -33.13
C PHE A 201 9.96 -5.93 -33.94
N HIS A 202 10.22 -6.02 -35.24
CA HIS A 202 10.21 -4.82 -36.07
C HIS A 202 8.87 -4.10 -35.97
N GLY A 203 8.91 -2.78 -35.84
CA GLY A 203 7.69 -2.02 -35.75
C GLY A 203 7.35 -1.56 -34.33
N LEU A 204 7.91 -2.19 -33.31
CA LEU A 204 7.46 -1.78 -31.99
C LEU A 204 8.44 -0.77 -31.45
N ASP A 205 8.24 0.49 -31.79
CA ASP A 205 9.25 1.49 -31.45
C ASP A 205 8.93 2.23 -30.17
N ASN A 206 7.71 2.04 -29.68
CA ASN A 206 7.30 2.58 -28.39
C ASN A 206 7.35 1.55 -27.26
N LEU A 207 7.87 0.36 -27.57
CA LEU A 207 7.82 -0.73 -26.60
C LEU A 207 8.76 -0.40 -25.46
N GLU A 208 8.20 -0.31 -24.24
CA GLU A 208 9.01 -0.11 -23.05
C GLU A 208 9.27 -1.38 -22.22
N ALA A 209 8.50 -2.43 -22.46
CA ALA A 209 8.63 -3.61 -21.63
C ALA A 209 8.39 -4.92 -22.40
N LEU A 210 9.30 -5.89 -22.26
CA LEU A 210 9.18 -7.19 -22.92
C LEU A 210 9.34 -8.32 -21.90
N ASP A 211 8.44 -9.30 -21.95
CA ASP A 211 8.55 -10.44 -21.05
C ASP A 211 8.74 -11.70 -21.91
N LEU A 212 9.96 -12.23 -21.93
CA LEU A 212 10.24 -13.54 -22.53
C LEU A 212 10.43 -14.69 -21.51
N ASN A 213 10.17 -14.41 -20.24
CA ASN A 213 10.33 -15.41 -19.19
C ASN A 213 9.61 -16.74 -19.43
N TYR A 214 10.20 -17.80 -18.90
CA TYR A 214 9.64 -19.16 -18.95
C TYR A 214 9.37 -19.61 -20.37
N ASN A 215 10.39 -19.52 -21.21
CA ASN A 215 10.31 -20.01 -22.58
C ASN A 215 11.41 -21.04 -22.90
N ASN A 216 11.54 -21.39 -24.17
CA ASN A 216 12.55 -22.36 -24.65
C ASN A 216 13.81 -21.82 -25.33
N LEU A 217 14.08 -20.52 -25.22
CA LEU A 217 15.18 -19.90 -25.97
C LEU A 217 16.56 -20.50 -25.71
N ILE A 218 17.22 -20.98 -26.76
CA ILE A 218 18.62 -21.39 -26.68
C ILE A 218 19.60 -20.24 -26.92
N ASP A 219 19.18 -19.26 -27.71
CA ASP A 219 20.04 -18.15 -28.08
C ASP A 219 19.55 -16.90 -27.39
N PHE A 220 20.49 -16.00 -27.11
CA PHE A 220 20.14 -14.63 -26.76
C PHE A 220 19.27 -14.09 -27.89
N PRO A 221 18.20 -13.37 -27.52
CA PRO A 221 17.22 -12.74 -28.41
C PRO A 221 17.76 -11.46 -29.04
N ASP A 222 18.50 -11.57 -30.14
CA ASP A 222 19.05 -10.39 -30.82
C ASP A 222 17.93 -9.49 -31.38
N SER A 223 16.72 -10.06 -31.44
CA SER A 223 15.55 -9.35 -31.95
C SER A 223 15.25 -8.02 -31.25
N ILE A 224 15.66 -7.93 -29.99
CA ILE A 224 15.43 -6.74 -29.19
C ILE A 224 16.17 -5.54 -29.76
N ARG A 225 17.02 -5.79 -30.76
CA ARG A 225 17.65 -4.71 -31.52
C ARG A 225 16.61 -3.81 -32.22
N SER A 226 15.38 -4.31 -32.36
CA SER A 226 14.26 -3.51 -32.89
C SER A 226 13.63 -2.61 -31.83
N LEU A 227 14.14 -2.64 -30.60
CA LEU A 227 13.44 -1.99 -29.46
C LEU A 227 14.20 -0.82 -28.82
N PRO A 228 14.23 0.34 -29.50
CA PRO A 228 15.05 1.49 -29.06
C PRO A 228 14.63 2.07 -27.72
N ASN A 229 13.33 1.98 -27.37
CA ASN A 229 12.81 2.56 -26.13
C ASN A 229 12.66 1.58 -24.98
N LEU A 230 13.14 0.36 -25.17
CA LEU A 230 13.01 -0.66 -24.14
C LEU A 230 13.55 -0.18 -22.79
N LYS A 231 12.76 -0.42 -21.75
CA LYS A 231 13.10 -0.06 -20.37
C LYS A 231 13.24 -1.31 -19.48
N GLU A 232 12.23 -2.18 -19.52
CA GLU A 232 12.22 -3.45 -18.77
C GLU A 232 12.27 -4.71 -19.64
N LEU A 233 13.25 -5.58 -19.40
CA LEU A 233 13.32 -6.87 -20.14
C LEU A 233 13.47 -8.11 -19.27
N GLY A 234 12.44 -8.95 -19.19
CA GLY A 234 12.70 -10.29 -18.68
C GLY A 234 12.98 -11.32 -19.76
N PHE A 235 14.13 -11.99 -19.64
CA PHE A 235 14.36 -13.33 -20.19
C PHE A 235 14.63 -14.49 -19.23
N HIS A 236 14.30 -14.31 -17.96
CA HIS A 236 14.58 -15.34 -16.97
C HIS A 236 13.88 -16.66 -17.25
N SER A 237 14.43 -17.74 -16.68
CA SER A 237 13.87 -19.07 -16.87
C SER A 237 13.80 -19.50 -18.33
N ASN A 238 14.87 -19.22 -19.06
CA ASN A 238 15.09 -19.77 -20.38
C ASN A 238 16.33 -20.69 -20.42
N SER A 239 16.70 -21.13 -21.61
CA SER A 239 17.91 -21.96 -21.84
C SER A 239 19.19 -21.25 -22.33
N ILE A 240 19.21 -19.92 -22.35
CA ILE A 240 20.37 -19.18 -22.83
C ILE A 240 21.63 -19.50 -22.01
N THR A 241 22.69 -19.92 -22.68
CA THR A 241 23.96 -20.21 -22.01
C THR A 241 24.97 -19.07 -22.06
N ILE A 242 24.71 -18.07 -22.89
CA ILE A 242 25.68 -17.01 -23.15
C ILE A 242 25.04 -15.63 -23.42
N ILE A 243 25.67 -14.58 -22.89
CA ILE A 243 25.20 -13.21 -23.12
C ILE A 243 26.28 -12.51 -23.95
N PRO A 244 25.97 -12.22 -25.22
CA PRO A 244 26.97 -11.78 -26.20
C PRO A 244 27.43 -10.34 -26.03
N ASP A 245 28.61 -9.99 -26.56
CA ASP A 245 29.03 -8.60 -26.67
C ASP A 245 27.97 -7.81 -27.44
N GLY A 246 27.84 -6.53 -27.10
CA GLY A 246 26.87 -5.67 -27.77
C GLY A 246 25.41 -6.10 -27.67
N ALA A 247 25.10 -6.96 -26.71
CA ALA A 247 23.74 -7.47 -26.51
C ALA A 247 22.70 -6.36 -26.43
N PHE A 248 23.00 -5.34 -25.63
CA PHE A 248 22.09 -4.21 -25.40
C PHE A 248 22.40 -2.91 -26.12
N VAL A 249 23.38 -2.95 -27.03
CA VAL A 249 23.82 -1.75 -27.74
C VAL A 249 22.72 -0.99 -28.52
N LYS A 250 21.61 -1.68 -28.83
CA LYS A 250 20.47 -1.00 -29.43
C LYS A 250 19.42 -0.53 -28.40
N ASN A 251 19.61 -0.89 -27.14
CA ASN A 251 18.68 -0.47 -26.09
C ASN A 251 19.32 0.35 -24.97
N PRO A 252 19.84 1.53 -25.31
CA PRO A 252 20.54 2.38 -24.35
C PRO A 252 19.67 2.87 -23.16
N LEU A 253 18.35 2.74 -23.27
CA LEU A 253 17.46 3.24 -22.21
C LEU A 253 17.06 2.18 -21.17
N LEU A 254 17.59 0.98 -21.29
CA LEU A 254 17.23 -0.11 -20.38
C LEU A 254 17.47 0.30 -18.92
N ARG A 255 16.53 -0.05 -18.05
CA ARG A 255 16.55 0.30 -16.63
C ARG A 255 16.64 -0.99 -15.85
N THR A 256 15.79 -1.93 -16.24
CA THR A 256 15.70 -3.22 -15.58
C THR A 256 15.94 -4.42 -16.51
N ILE A 257 16.90 -5.27 -16.13
CA ILE A 257 17.08 -6.54 -16.83
C ILE A 257 17.08 -7.73 -15.87
N HIS A 258 16.21 -8.70 -16.14
CA HIS A 258 16.17 -9.95 -15.36
C HIS A 258 16.62 -11.19 -16.19
N LEU A 259 17.82 -11.73 -15.90
CA LEU A 259 18.38 -12.93 -16.58
C LEU A 259 18.39 -14.28 -15.83
N TYR A 260 17.94 -14.32 -14.60
CA TYR A 260 18.22 -15.45 -13.72
C TYR A 260 17.59 -16.75 -14.19
N ASP A 261 18.06 -17.86 -13.67
CA ASP A 261 17.54 -19.20 -13.99
C ASP A 261 17.72 -19.54 -15.49
N ASN A 262 18.88 -19.14 -16.02
CA ASN A 262 19.44 -19.58 -17.29
C ASN A 262 20.76 -20.28 -16.99
N PRO A 263 21.14 -21.28 -17.82
CA PRO A 263 22.40 -22.01 -17.62
C PRO A 263 23.60 -21.25 -18.18
N LEU A 264 23.83 -20.03 -17.72
CA LEU A 264 24.85 -19.19 -18.34
C LEU A 264 26.25 -19.68 -18.07
N SER A 265 26.99 -19.99 -19.13
CA SER A 265 28.41 -20.25 -18.94
C SER A 265 29.28 -19.02 -19.18
N PHE A 266 28.79 -18.04 -19.93
CA PHE A 266 29.67 -16.94 -20.34
C PHE A 266 28.91 -15.65 -20.57
N VAL A 267 29.51 -14.54 -20.18
CA VAL A 267 28.92 -13.24 -20.42
C VAL A 267 29.93 -12.38 -21.15
N GLY A 268 29.53 -11.81 -22.27
CA GLY A 268 30.42 -11.01 -23.06
C GLY A 268 31.02 -9.88 -22.26
N ASN A 269 32.24 -9.50 -22.61
CA ASN A 269 32.94 -8.40 -21.97
C ASN A 269 32.27 -7.03 -22.17
N SER A 270 31.66 -6.81 -23.31
CA SER A 270 30.98 -5.54 -23.53
C SER A 270 29.46 -5.62 -23.35
N ALA A 271 28.95 -6.82 -23.07
CA ALA A 271 27.51 -7.04 -22.96
C ALA A 271 26.76 -6.04 -22.03
N PHE A 272 27.25 -5.92 -20.81
CA PHE A 272 26.65 -5.03 -19.83
C PHE A 272 27.29 -3.66 -19.77
N GLN A 273 28.15 -3.37 -20.75
CA GLN A 273 28.81 -2.07 -20.83
C GLN A 273 27.92 -0.94 -21.37
N ASN A 274 28.30 0.30 -21.04
CA ASN A 274 27.61 1.49 -21.55
C ASN A 274 26.08 1.57 -21.35
N LEU A 275 25.56 1.15 -20.21
CA LEU A 275 24.14 1.42 -19.97
C LEU A 275 24.02 2.43 -18.86
N SER A 276 23.76 3.67 -19.24
CA SER A 276 23.74 4.73 -18.25
C SER A 276 22.41 4.76 -17.46
N ASP A 277 21.37 4.13 -18.02
CA ASP A 277 20.05 4.10 -17.36
C ASP A 277 19.74 2.85 -16.53
N LEU A 278 20.72 1.94 -16.40
CA LEU A 278 20.43 0.64 -15.79
C LEU A 278 20.44 0.73 -14.26
N HIS A 279 19.29 0.57 -13.64
CA HIS A 279 19.25 0.55 -12.18
C HIS A 279 19.05 -0.80 -11.54
N PHE A 280 18.57 -1.78 -12.30
CA PHE A 280 18.31 -3.07 -11.69
C PHE A 280 18.76 -4.22 -12.56
N LEU A 281 19.74 -4.96 -12.05
CA LEU A 281 20.30 -6.07 -12.79
C LEU A 281 20.25 -7.36 -11.99
N ILE A 282 19.53 -8.35 -12.50
CA ILE A 282 19.45 -9.60 -11.77
C ILE A 282 19.88 -10.85 -12.52
N ILE A 283 20.96 -11.41 -12.00
CA ILE A 283 21.59 -12.57 -12.51
C ILE A 283 21.67 -13.60 -11.39
N ARG A 284 21.08 -14.76 -11.60
CA ARG A 284 21.18 -15.83 -10.62
C ARG A 284 21.27 -17.19 -11.29
N GLY A 285 22.09 -18.05 -10.71
CA GLY A 285 22.16 -19.43 -11.14
C GLY A 285 22.90 -19.55 -12.46
N ALA A 286 23.94 -18.74 -12.66
CA ALA A 286 24.77 -18.93 -13.84
C ALA A 286 26.04 -19.67 -13.40
N SER A 287 25.98 -20.97 -13.55
CA SER A 287 26.88 -21.86 -12.85
C SER A 287 28.33 -21.76 -13.32
N ASN A 288 28.50 -21.52 -14.60
CA ASN A 288 29.85 -21.53 -15.16
C ASN A 288 30.49 -20.16 -15.40
N VAL A 289 29.78 -19.10 -15.06
CA VAL A 289 30.35 -17.77 -15.18
C VAL A 289 31.46 -17.65 -14.14
N GLN A 290 32.66 -17.33 -14.60
CA GLN A 290 33.80 -17.22 -13.70
C GLN A 290 34.19 -15.80 -13.31
N TRP A 291 33.57 -14.81 -13.92
CA TRP A 291 34.02 -13.44 -13.71
C TRP A 291 32.87 -12.48 -13.56
N PHE A 292 33.13 -11.46 -12.76
CA PHE A 292 32.25 -10.32 -12.60
C PHE A 292 32.11 -9.71 -13.97
N PRO A 293 30.88 -9.40 -14.39
CA PRO A 293 30.75 -8.73 -15.68
C PRO A 293 31.47 -7.39 -15.67
N ASN A 294 31.92 -6.98 -16.85
CA ASN A 294 32.53 -5.68 -17.02
C ASN A 294 31.38 -4.66 -17.07
N LEU A 295 31.34 -3.80 -16.06
CA LEU A 295 30.34 -2.72 -15.89
C LEU A 295 30.80 -1.33 -16.33
N THR A 296 31.90 -1.27 -17.07
CA THR A 296 32.39 0.02 -17.55
C THR A 296 31.28 0.76 -18.28
N GLY A 297 31.04 1.99 -17.83
CA GLY A 297 30.02 2.84 -18.42
C GLY A 297 28.65 2.65 -17.78
N THR A 298 28.53 1.73 -16.82
CA THR A 298 27.25 1.56 -16.13
C THR A 298 27.43 1.89 -14.66
N ASN A 299 27.19 3.15 -14.31
CA ASN A 299 27.51 3.64 -12.98
C ASN A 299 26.31 3.91 -12.08
N ASN A 300 25.15 3.75 -12.66
CA ASN A 300 23.92 4.15 -11.99
C ASN A 300 23.16 3.00 -11.37
N LEU A 301 23.81 1.86 -11.29
CA LEU A 301 23.23 0.69 -10.66
C LEU A 301 22.70 0.97 -9.24
N GLU A 302 21.50 0.46 -9.00
CA GLU A 302 20.77 0.62 -7.73
C GLU A 302 20.71 -0.71 -7.00
N SER A 303 20.16 -1.71 -7.66
CA SER A 303 20.25 -3.09 -7.19
C SER A 303 21.00 -4.00 -8.16
N LEU A 304 22.00 -4.69 -7.61
CA LEU A 304 22.75 -5.67 -8.36
C LEU A 304 22.61 -7.00 -7.66
N THR A 305 22.22 -8.03 -8.41
CA THR A 305 22.21 -9.38 -7.86
C THR A 305 23.00 -10.26 -8.77
N LEU A 306 24.10 -10.81 -8.25
CA LEU A 306 24.90 -11.76 -9.02
C LEU A 306 25.11 -12.98 -8.16
N THR A 307 24.42 -14.07 -8.45
CA THR A 307 24.55 -15.28 -7.63
C THR A 307 24.62 -16.61 -8.40
N GLY A 308 25.21 -17.64 -7.78
CA GLY A 308 25.18 -18.97 -8.35
C GLY A 308 26.34 -19.29 -9.29
N THR A 309 27.46 -18.60 -9.12
CA THR A 309 28.53 -18.64 -10.07
C THR A 309 29.83 -19.07 -9.44
N LYS A 310 30.86 -19.15 -10.27
CA LYS A 310 32.20 -19.51 -9.84
C LYS A 310 33.04 -18.29 -9.52
N ILE A 311 32.42 -17.12 -9.53
CA ILE A 311 33.16 -15.88 -9.33
C ILE A 311 33.88 -15.95 -7.98
N ARG A 312 35.19 -15.77 -8.01
CA ARG A 312 35.99 -15.78 -6.78
C ARG A 312 36.35 -14.42 -6.24
N SER A 313 36.19 -13.37 -7.03
CA SER A 313 36.51 -12.04 -6.50
C SER A 313 35.67 -10.89 -7.07
N ILE A 314 35.90 -9.71 -6.53
CA ILE A 314 35.13 -8.55 -6.90
C ILE A 314 36.14 -7.54 -7.41
N PRO A 315 35.81 -6.85 -8.51
CA PRO A 315 36.79 -5.93 -9.10
C PRO A 315 37.01 -4.70 -8.23
N ILE A 316 38.25 -4.24 -8.15
CA ILE A 316 38.59 -3.09 -7.33
C ILE A 316 37.86 -1.83 -7.80
N LYS A 317 37.64 -1.74 -9.11
CA LYS A 317 36.98 -0.56 -9.69
C LYS A 317 35.49 -0.45 -9.32
N PHE A 318 34.88 -1.57 -8.99
CA PHE A 318 33.43 -1.66 -8.74
C PHE A 318 32.90 -0.55 -7.84
N CYS A 319 33.31 -0.58 -6.59
CA CYS A 319 32.85 0.43 -5.63
C CYS A 319 33.39 1.84 -5.90
N GLN A 320 34.44 1.94 -6.70
CA GLN A 320 34.87 3.25 -7.17
C GLN A 320 33.77 3.86 -8.07
N GLU A 321 33.14 3.03 -8.90
CA GLU A 321 32.18 3.55 -9.88
C GLU A 321 30.69 3.59 -9.54
N GLN A 322 30.24 2.88 -8.51
CA GLN A 322 28.80 2.83 -8.29
C GLN A 322 28.47 3.63 -7.07
N LYS A 323 28.04 4.87 -7.25
CA LYS A 323 27.71 5.68 -6.09
C LYS A 323 26.20 5.64 -5.82
N MET A 324 25.44 5.02 -6.72
CA MET A 324 24.02 4.90 -6.52
C MET A 324 23.63 3.56 -5.92
N LEU A 325 24.59 2.65 -5.75
CA LEU A 325 24.26 1.28 -5.37
C LEU A 325 23.71 1.17 -3.95
N ARG A 326 22.53 0.57 -3.84
CA ARG A 326 21.77 0.49 -2.59
C ARG A 326 21.70 -0.92 -2.04
N THR A 327 21.23 -1.84 -2.87
CA THR A 327 21.32 -3.26 -2.52
C THR A 327 22.24 -4.08 -3.45
N LEU A 328 23.07 -4.89 -2.79
CA LEU A 328 24.04 -5.72 -3.46
C LEU A 328 23.89 -7.17 -2.98
N ASP A 329 23.42 -8.06 -3.84
CA ASP A 329 23.39 -9.46 -3.47
C ASP A 329 24.48 -10.22 -4.24
N LEU A 330 25.54 -10.57 -3.53
CA LEU A 330 26.64 -11.44 -3.96
C LEU A 330 26.64 -12.85 -3.40
N SER A 331 25.51 -13.33 -2.89
CA SER A 331 25.56 -14.64 -2.24
C SER A 331 25.86 -15.81 -3.24
N TYR A 332 26.01 -17.02 -2.69
CA TYR A 332 26.09 -18.26 -3.49
C TYR A 332 27.07 -18.23 -4.69
N ASN A 333 28.27 -17.73 -4.45
CA ASN A 333 29.36 -17.75 -5.42
C ASN A 333 30.58 -18.43 -4.78
N GLU A 334 31.73 -18.27 -5.41
CA GLU A 334 33.00 -18.67 -4.83
C GLU A 334 33.84 -17.59 -4.15
N ILE A 335 33.32 -16.39 -3.92
CA ILE A 335 34.15 -15.28 -3.40
C ILE A 335 34.97 -15.61 -2.13
N SER A 336 36.30 -15.47 -2.22
CA SER A 336 37.21 -15.80 -1.11
C SER A 336 37.88 -14.62 -0.41
N ALA A 337 37.73 -13.43 -0.97
CA ALA A 337 38.33 -12.24 -0.40
C ALA A 337 37.49 -11.04 -0.81
N LEU A 338 37.41 -10.04 0.06
CA LEU A 338 36.59 -8.85 -0.18
C LEU A 338 37.42 -7.57 -0.37
N VAL A 339 37.41 -7.07 -1.59
CA VAL A 339 37.88 -5.74 -1.90
C VAL A 339 37.02 -4.73 -1.12
N GLY A 340 37.54 -3.54 -0.83
CA GLY A 340 36.82 -2.58 -0.02
C GLY A 340 35.55 -1.98 -0.62
N PHE A 341 34.43 -2.09 0.11
CA PHE A 341 33.15 -1.58 -0.33
C PHE A 341 32.99 -0.09 -0.08
N GLU A 342 34.00 0.49 0.56
CA GLU A 342 33.96 1.89 0.98
C GLU A 342 33.42 2.83 -0.08
N GLY A 343 33.95 2.73 -1.29
CA GLY A 343 33.47 3.52 -2.41
C GLY A 343 31.97 3.48 -2.66
N CYS A 344 31.28 2.38 -2.30
CA CYS A 344 29.84 2.35 -2.61
C CYS A 344 29.13 2.93 -1.41
N SER A 345 28.81 4.21 -1.51
CA SER A 345 28.39 4.96 -0.34
C SER A 345 26.91 4.83 0.02
N SER A 346 26.09 4.43 -0.95
CA SER A 346 24.65 4.38 -0.73
C SER A 346 24.20 3.03 -0.20
N LEU A 347 25.13 2.10 0.01
CA LEU A 347 24.74 0.72 0.32
C LEU A 347 23.88 0.63 1.58
N GLU A 348 22.65 0.12 1.44
CA GLU A 348 21.88 -0.20 2.62
C GLU A 348 21.80 -1.68 2.94
N GLU A 349 22.12 -2.52 1.95
CA GLU A 349 22.01 -3.97 2.08
C GLU A 349 23.12 -4.66 1.33
N VAL A 350 23.81 -5.56 2.02
CA VAL A 350 24.88 -6.35 1.41
C VAL A 350 24.72 -7.83 1.80
N TYR A 351 24.56 -8.69 0.78
CA TYR A 351 24.46 -10.13 1.00
C TYR A 351 25.65 -10.89 0.41
N LEU A 352 26.53 -11.32 1.31
CA LEU A 352 27.69 -12.16 1.04
C LEU A 352 27.56 -13.60 1.52
N GLN A 353 26.37 -14.04 1.92
CA GLN A 353 26.31 -15.39 2.50
C GLN A 353 26.67 -16.51 1.48
N ASN A 354 27.13 -17.65 1.99
CA ASN A 354 27.47 -18.82 1.16
C ASN A 354 28.57 -18.58 0.14
N ASN A 355 29.69 -18.04 0.63
CA ASN A 355 30.90 -17.86 -0.17
C ASN A 355 32.08 -18.53 0.49
N GLN A 356 33.27 -18.22 0.01
CA GLN A 356 34.53 -18.73 0.55
C GLN A 356 35.28 -17.80 1.49
N ILE A 357 34.67 -16.68 1.88
CA ILE A 357 35.37 -15.64 2.65
C ILE A 357 36.06 -16.07 3.95
N GLN A 358 37.28 -15.56 4.14
CA GLN A 358 38.15 -15.90 5.25
C GLN A 358 38.26 -14.84 6.37
N GLU A 359 38.65 -13.63 5.99
CA GLU A 359 38.66 -12.53 6.95
C GLU A 359 37.89 -11.25 6.50
N VAL A 360 37.51 -10.42 7.47
CA VAL A 360 37.13 -9.04 7.13
C VAL A 360 37.99 -8.03 7.89
N GLN A 361 38.55 -7.09 7.16
CA GLN A 361 39.52 -6.14 7.70
C GLN A 361 38.84 -4.87 8.19
N ASN A 362 39.64 -3.90 8.64
CA ASN A 362 39.08 -2.70 9.25
C ASN A 362 38.36 -1.83 8.23
N GLU A 363 38.89 -1.81 7.01
CA GLU A 363 38.41 -0.90 5.99
C GLU A 363 37.42 -1.49 4.97
N THR A 364 37.09 -2.77 5.13
CA THR A 364 36.22 -3.47 4.18
C THR A 364 34.93 -2.68 4.04
N PHE A 365 34.24 -2.60 5.15
CA PHE A 365 32.96 -1.93 5.25
C PHE A 365 33.04 -0.52 5.81
N GLN A 366 34.24 0.00 6.00
CA GLN A 366 34.37 1.29 6.66
C GLN A 366 33.71 2.39 5.84
N GLY A 367 32.89 3.19 6.50
CA GLY A 367 32.33 4.36 5.85
C GLY A 367 30.88 4.22 5.44
N LEU A 368 30.33 3.01 5.47
CA LEU A 368 28.99 2.91 4.90
C LEU A 368 28.02 3.24 6.00
N ALA A 369 27.52 4.47 5.97
CA ALA A 369 26.77 5.01 7.09
C ALA A 369 25.28 4.68 6.96
N ALA A 370 24.86 4.25 5.76
CA ALA A 370 23.48 3.89 5.44
C ALA A 370 23.19 2.39 5.54
N LEU A 371 24.19 1.60 5.98
CA LEU A 371 24.12 0.16 5.79
C LEU A 371 23.39 -0.49 6.98
N ARG A 372 22.18 -0.95 6.72
CA ARG A 372 21.36 -1.65 7.71
C ARG A 372 21.59 -3.15 7.82
N MET A 373 21.79 -3.79 6.66
CA MET A 373 21.75 -5.23 6.59
C MET A 373 23.03 -5.85 6.03
N LEU A 374 23.70 -6.66 6.84
CA LEU A 374 24.93 -7.31 6.43
C LEU A 374 24.87 -8.82 6.68
N ASP A 375 24.91 -9.61 5.61
CA ASP A 375 24.88 -11.08 5.77
C ASP A 375 26.16 -11.72 5.27
N LEU A 376 26.96 -12.14 6.25
CA LEU A 376 28.20 -12.83 6.09
C LEU A 376 28.12 -14.31 6.44
N SER A 377 26.92 -14.83 6.66
CA SER A 377 26.78 -16.20 7.15
C SER A 377 27.24 -17.27 6.13
N ARG A 378 27.57 -18.46 6.61
CA ARG A 378 28.02 -19.57 5.73
C ARG A 378 29.21 -19.22 4.85
N ASN A 379 30.24 -18.73 5.53
CA ASN A 379 31.54 -18.52 4.95
C ASN A 379 32.60 -19.24 5.81
N ARG A 380 33.87 -18.94 5.51
CA ARG A 380 35.04 -19.50 6.19
C ARG A 380 35.65 -18.60 7.27
N ILE A 381 34.96 -17.53 7.66
CA ILE A 381 35.59 -16.45 8.42
C ILE A 381 36.16 -16.89 9.76
N HIS A 382 37.48 -16.75 9.87
CA HIS A 382 38.17 -17.08 11.11
C HIS A 382 38.55 -15.86 11.91
N THR A 383 38.56 -14.70 11.26
CA THR A 383 38.98 -13.47 11.92
C THR A 383 38.26 -12.23 11.43
N ILE A 384 37.77 -11.42 12.37
CA ILE A 384 37.21 -10.13 12.02
C ILE A 384 37.90 -9.11 12.88
N HIS A 385 38.53 -8.13 12.24
CA HIS A 385 39.17 -7.04 12.94
C HIS A 385 38.17 -6.47 13.92
N LYS A 386 38.61 -6.18 15.14
CA LYS A 386 37.79 -5.39 16.06
C LYS A 386 37.73 -4.03 15.38
N GLU A 387 36.71 -3.24 15.66
CA GLU A 387 36.55 -1.97 14.93
C GLU A 387 36.11 -2.07 13.45
N ALA A 388 35.98 -3.29 12.92
CA ALA A 388 35.52 -3.47 11.53
C ALA A 388 34.07 -3.02 11.29
N PHE A 389 33.20 -3.24 12.25
CA PHE A 389 31.82 -2.78 12.18
C PHE A 389 31.62 -1.45 12.92
N VAL A 390 32.70 -0.92 13.49
CA VAL A 390 32.73 0.47 13.93
C VAL A 390 32.51 1.26 12.62
N THR A 391 31.97 2.48 12.72
CA THR A 391 31.53 3.30 11.56
C THR A 391 30.14 2.94 10.98
N LEU A 392 29.54 1.82 11.38
CA LEU A 392 28.24 1.52 10.76
C LEU A 392 27.12 1.91 11.68
N LYS A 393 26.60 3.11 11.48
CA LYS A 393 25.66 3.73 12.44
C LYS A 393 24.26 3.18 12.24
N ALA A 394 24.00 2.75 11.01
CA ALA A 394 22.68 2.28 10.59
C ALA A 394 22.48 0.77 10.71
N LEU A 395 23.49 0.05 11.21
CA LEU A 395 23.46 -1.40 11.09
C LEU A 395 22.40 -1.97 12.02
N THR A 396 21.39 -2.59 11.46
CA THR A 396 20.41 -3.28 12.30
C THR A 396 20.46 -4.80 12.24
N ASN A 397 21.06 -5.31 11.17
CA ASN A 397 21.07 -6.76 10.94
C ASN A 397 22.45 -7.24 10.61
N LEU A 398 23.03 -8.03 11.50
CA LEU A 398 24.33 -8.59 11.18
C LEU A 398 24.29 -10.09 11.35
N ASP A 399 24.56 -10.79 10.25
CA ASP A 399 24.56 -12.25 10.30
C ASP A 399 25.99 -12.77 10.18
N LEU A 400 26.54 -13.23 11.29
CA LEU A 400 27.87 -13.86 11.32
C LEU A 400 27.84 -15.40 11.45
N SER A 401 26.64 -15.98 11.55
CA SER A 401 26.45 -17.41 11.79
C SER A 401 27.14 -18.36 10.77
N PHE A 402 27.55 -19.54 11.23
CA PHE A 402 28.18 -20.57 10.38
C PHE A 402 29.42 -20.05 9.68
N ASN A 403 30.33 -19.58 10.51
CA ASN A 403 31.66 -19.19 10.12
C ASN A 403 32.56 -19.90 11.12
N ASP A 404 33.85 -19.61 11.08
CA ASP A 404 34.78 -20.22 12.01
C ASP A 404 35.19 -19.41 13.24
N LEU A 405 34.55 -18.28 13.50
CA LEU A 405 34.99 -17.38 14.59
C LEU A 405 35.12 -18.00 15.99
N THR A 406 36.31 -17.85 16.59
CA THR A 406 36.52 -18.30 17.97
C THR A 406 36.01 -17.28 19.00
N ALA A 407 36.19 -16.01 18.66
CA ALA A 407 35.64 -14.89 19.42
C ALA A 407 34.94 -13.90 18.48
N PHE A 408 34.20 -12.97 19.08
CA PHE A 408 33.38 -12.01 18.35
C PHE A 408 33.80 -10.58 18.70
N PRO A 409 33.71 -9.67 17.72
CA PRO A 409 33.87 -8.24 18.01
C PRO A 409 32.62 -7.70 18.73
N THR A 410 32.75 -6.82 19.72
CA THR A 410 31.55 -6.13 20.23
C THR A 410 31.38 -4.69 19.78
N ALA A 411 32.37 -4.13 19.09
CA ALA A 411 32.38 -2.68 18.87
C ALA A 411 31.46 -2.28 17.71
N GLY A 412 30.47 -1.45 18.02
CA GLY A 412 29.45 -1.06 17.06
C GLY A 412 28.29 -2.03 17.06
N LEU A 413 28.40 -3.09 17.83
CA LEU A 413 27.43 -4.18 17.74
C LEU A 413 26.26 -4.24 18.76
N HIS A 414 26.13 -3.22 19.60
CA HIS A 414 25.10 -3.28 20.64
C HIS A 414 23.68 -2.93 20.19
N GLY A 415 23.55 -1.91 19.35
CA GLY A 415 22.24 -1.40 18.98
C GLY A 415 21.48 -2.26 17.98
N LEU A 416 22.06 -3.40 17.59
CA LEU A 416 21.44 -4.25 16.57
C LEU A 416 20.14 -4.89 17.02
N ASN A 417 19.13 -4.77 16.18
CA ASN A 417 17.89 -5.51 16.34
C ASN A 417 18.15 -7.02 16.22
N GLN A 418 19.04 -7.40 15.30
CA GLN A 418 19.39 -8.82 15.10
C GLN A 418 20.88 -9.00 14.89
N LEU A 419 21.51 -9.79 15.78
CA LEU A 419 22.89 -10.20 15.63
C LEU A 419 22.94 -11.71 15.75
N LYS A 420 23.17 -12.41 14.64
CA LYS A 420 23.14 -13.88 14.66
C LYS A 420 24.55 -14.49 14.67
N LEU A 421 24.88 -15.12 15.80
CA LEU A 421 26.16 -15.80 16.02
C LEU A 421 26.14 -17.34 15.94
N THR A 422 24.98 -17.94 15.71
CA THR A 422 24.80 -19.40 15.74
C THR A 422 25.82 -20.18 14.90
N GLY A 423 26.32 -21.29 15.42
CA GLY A 423 27.06 -22.22 14.60
C GLY A 423 28.52 -21.84 14.41
N ASN A 424 28.98 -20.87 15.17
CA ASN A 424 30.42 -20.59 15.25
C ASN A 424 31.03 -21.36 16.41
N PRO A 425 32.32 -21.70 16.31
CA PRO A 425 32.98 -22.45 17.38
C PRO A 425 33.52 -21.54 18.48
N ASN A 426 32.68 -21.02 19.36
CA ASN A 426 33.20 -20.12 20.37
C ASN A 426 33.69 -20.94 21.53
N PHE A 427 35.00 -20.92 21.79
CA PHE A 427 35.56 -21.71 22.87
C PHE A 427 35.15 -21.15 24.25
N LYS A 428 35.43 -19.87 24.52
CA LYS A 428 35.10 -19.29 25.83
C LYS A 428 33.69 -19.59 26.33
N GLU A 429 32.71 -19.58 25.42
CA GLU A 429 31.32 -19.79 25.81
C GLU A 429 30.92 -21.27 25.93
N THR A 430 31.83 -22.17 25.57
CA THR A 430 31.52 -23.59 25.76
C THR A 430 31.92 -23.96 27.17
N LEU A 431 32.67 -23.06 27.80
CA LEU A 431 33.32 -23.29 29.07
C LEU A 431 32.38 -23.05 30.25
N PRO B 8 -1.25 16.87 -29.51
CA PRO B 8 -2.30 16.64 -28.50
C PRO B 8 -1.89 17.27 -27.16
N CYS B 9 -0.58 17.35 -26.93
CA CYS B 9 -0.02 17.85 -25.68
C CYS B 9 0.78 19.14 -25.88
N PRO B 10 0.22 20.29 -25.45
CA PRO B 10 0.95 21.56 -25.50
C PRO B 10 2.22 21.50 -24.65
N ALA B 11 3.20 22.34 -24.97
CA ALA B 11 4.57 22.22 -24.43
C ALA B 11 4.77 22.04 -22.92
N PRO B 12 4.21 22.95 -22.09
CA PRO B 12 4.52 22.88 -20.66
C PRO B 12 4.09 21.56 -20.00
N CYS B 13 2.97 21.00 -20.45
CA CYS B 13 2.33 19.84 -19.81
C CYS B 13 3.02 18.51 -20.17
N ALA B 14 2.44 17.41 -19.71
CA ALA B 14 2.83 16.07 -20.13
C ALA B 14 1.61 15.16 -20.18
N CYS B 15 1.44 14.39 -21.25
CA CYS B 15 0.25 13.55 -21.42
C CYS B 15 0.58 12.05 -21.40
N ASP B 16 -0.23 11.30 -20.64
CA ASP B 16 0.06 9.91 -20.33
C ASP B 16 -0.70 8.95 -21.22
N LEU B 17 -0.58 7.67 -20.88
CA LEU B 17 -1.34 6.58 -21.50
C LEU B 17 -2.87 6.78 -21.46
N ASP B 18 -3.41 7.02 -20.27
CA ASP B 18 -4.85 6.95 -20.04
C ASP B 18 -5.59 8.27 -20.28
N GLY B 19 -4.88 9.28 -20.78
CA GLY B 19 -5.51 10.53 -21.12
C GLY B 19 -5.47 11.57 -20.01
N GLY B 20 -4.58 11.37 -19.03
CA GLY B 20 -4.26 12.39 -18.05
C GLY B 20 -3.18 13.34 -18.55
N ALA B 21 -3.30 14.62 -18.21
CA ALA B 21 -2.34 15.64 -18.64
C ALA B 21 -1.85 16.43 -17.44
N ASP B 22 -0.55 16.41 -17.18
CA ASP B 22 0.01 17.08 -16.01
C ASP B 22 0.64 18.38 -16.39
N CYS B 23 -0.06 19.46 -16.05
CA CYS B 23 0.46 20.82 -16.13
C CYS B 23 1.01 21.20 -14.75
N SER B 24 1.08 20.21 -13.86
CA SER B 24 1.51 20.42 -12.48
C SER B 24 2.88 21.08 -12.32
N GLY B 25 2.91 22.19 -11.57
CA GLY B 25 4.12 22.90 -11.24
C GLY B 25 4.78 23.67 -12.37
N LYS B 26 3.97 24.22 -13.28
CA LYS B 26 4.52 24.91 -14.46
C LYS B 26 4.61 26.45 -14.37
N GLY B 27 4.23 27.02 -13.23
CA GLY B 27 4.31 28.46 -13.05
C GLY B 27 3.43 29.19 -14.05
N LEU B 28 2.21 28.67 -14.18
CA LEU B 28 1.30 29.12 -15.22
C LEU B 28 0.17 29.95 -14.59
N VAL B 29 -0.26 31.01 -15.27
CA VAL B 29 -1.35 31.87 -14.77
C VAL B 29 -2.73 31.58 -15.39
N THR B 30 -2.77 30.69 -16.39
CA THR B 30 -4.01 30.36 -17.12
C THR B 30 -4.05 28.94 -17.65
N VAL B 31 -5.26 28.45 -17.91
CA VAL B 31 -5.45 27.13 -18.50
C VAL B 31 -4.72 27.03 -19.83
N PRO B 32 -3.74 26.13 -19.91
CA PRO B 32 -3.01 25.92 -21.17
C PRO B 32 -4.00 25.62 -22.30
N ASP B 33 -3.75 26.15 -23.48
CA ASP B 33 -4.60 25.84 -24.62
C ASP B 33 -3.84 24.89 -25.55
N GLY B 34 -4.57 24.01 -26.22
CA GLY B 34 -3.95 22.99 -27.04
C GLY B 34 -4.06 21.59 -26.44
N LEU B 35 -4.75 21.51 -25.32
CA LEU B 35 -4.97 20.22 -24.68
C LEU B 35 -6.05 19.42 -25.39
N SER B 36 -5.81 18.11 -25.50
CA SER B 36 -6.73 17.18 -26.15
C SER B 36 -8.11 17.32 -25.52
N VAL B 37 -9.16 17.08 -26.30
CA VAL B 37 -10.52 17.16 -25.76
C VAL B 37 -10.97 15.81 -25.22
N PHE B 38 -10.14 14.78 -25.46
CA PHE B 38 -10.37 13.45 -24.92
C PHE B 38 -9.65 13.25 -23.59
N THR B 39 -9.13 14.36 -23.04
CA THR B 39 -8.42 14.34 -21.75
C THR B 39 -9.28 13.73 -20.65
N HIS B 40 -8.76 12.66 -20.05
CA HIS B 40 -9.44 12.01 -18.94
C HIS B 40 -9.20 12.83 -17.66
N SER B 41 -7.93 13.17 -17.42
CA SER B 41 -7.50 13.80 -16.16
C SER B 41 -6.70 15.06 -16.43
N LEU B 42 -6.83 16.05 -15.57
CA LEU B 42 -6.05 17.26 -15.76
C LEU B 42 -5.45 17.72 -14.43
N ASP B 43 -4.13 17.90 -14.40
CA ASP B 43 -3.44 18.30 -13.18
C ASP B 43 -2.82 19.69 -13.34
N LEU B 44 -3.45 20.69 -12.73
CA LEU B 44 -2.95 22.07 -12.67
C LEU B 44 -2.27 22.45 -11.34
N SER B 45 -2.09 21.45 -10.47
CA SER B 45 -1.52 21.65 -9.13
C SER B 45 -0.11 22.26 -9.08
N MET B 46 0.10 23.16 -8.11
CA MET B 46 1.35 23.90 -7.93
C MET B 46 1.69 24.95 -9.00
N ASN B 47 0.69 25.68 -9.50
CA ASN B 47 0.98 26.78 -10.43
C ASN B 47 0.59 28.15 -9.89
N ASN B 48 0.87 29.20 -10.66
CA ASN B 48 0.64 30.56 -10.18
C ASN B 48 -0.76 31.10 -10.49
N ILE B 49 -1.64 30.22 -10.98
CA ILE B 49 -2.94 30.69 -11.48
C ILE B 49 -3.66 31.46 -10.38
N THR B 50 -3.83 32.75 -10.60
CA THR B 50 -4.42 33.63 -9.59
C THR B 50 -5.95 33.62 -9.67
N LYS B 51 -6.46 33.63 -10.90
CA LYS B 51 -7.91 33.69 -11.15
C LYS B 51 -8.29 32.80 -12.35
N LEU B 52 -9.58 32.47 -12.45
CA LEU B 52 -10.06 31.67 -13.57
C LEU B 52 -11.17 32.39 -14.33
N PRO B 53 -11.13 32.28 -15.67
CA PRO B 53 -12.10 32.97 -16.53
C PRO B 53 -13.35 32.12 -16.74
N GLU B 54 -14.32 32.66 -17.46
CA GLU B 54 -15.54 31.94 -17.78
C GLU B 54 -15.26 30.69 -18.62
N GLY B 55 -15.80 29.56 -18.18
CA GLY B 55 -15.76 28.31 -18.91
C GLY B 55 -14.40 27.83 -19.39
N ALA B 56 -13.36 28.12 -18.63
CA ALA B 56 -12.01 27.74 -19.03
C ALA B 56 -11.82 26.22 -19.14
N PHE B 57 -12.72 25.48 -18.50
CA PHE B 57 -12.77 24.03 -18.64
C PHE B 57 -13.87 23.46 -19.55
N LYS B 58 -14.64 24.34 -20.19
CA LYS B 58 -15.77 23.92 -21.04
C LYS B 58 -15.39 23.04 -22.23
N GLY B 59 -14.19 23.23 -22.77
CA GLY B 59 -13.71 22.45 -23.90
C GLY B 59 -13.30 21.02 -23.58
N PHE B 60 -13.53 20.62 -22.33
CA PHE B 60 -13.21 19.26 -21.89
C PHE B 60 -14.45 18.54 -21.36
N PRO B 61 -15.19 17.88 -22.26
CA PRO B 61 -16.41 17.10 -21.98
C PRO B 61 -16.19 15.76 -21.27
N TYR B 62 -15.02 15.14 -21.46
CA TYR B 62 -14.76 13.82 -20.89
C TYR B 62 -13.97 13.89 -19.58
N LEU B 63 -13.65 15.10 -19.13
CA LEU B 63 -12.68 15.24 -18.05
C LEU B 63 -13.31 14.79 -16.74
N GLU B 64 -12.75 13.72 -16.19
CA GLU B 64 -13.22 13.14 -14.94
C GLU B 64 -12.64 13.72 -13.63
N GLU B 65 -11.35 14.04 -13.66
CA GLU B 65 -10.64 14.53 -12.47
C GLU B 65 -9.90 15.82 -12.75
N LEU B 66 -10.15 16.82 -11.92
CA LEU B 66 -9.50 18.10 -12.09
C LEU B 66 -8.74 18.52 -10.82
N ARG B 67 -7.42 18.62 -10.93
CA ARG B 67 -6.61 19.01 -9.79
C ARG B 67 -6.04 20.42 -9.91
N LEU B 68 -6.63 21.35 -9.17
CA LEU B 68 -6.11 22.70 -9.01
C LEU B 68 -5.30 22.93 -7.71
N ALA B 69 -4.98 21.85 -7.00
CA ALA B 69 -4.33 21.92 -5.68
C ALA B 69 -3.06 22.79 -5.62
N GLY B 70 -3.03 23.73 -4.68
CA GLY B 70 -1.82 24.48 -4.39
C GLY B 70 -1.49 25.65 -5.30
N ASN B 71 -2.51 26.26 -5.90
CA ASN B 71 -2.29 27.44 -6.72
C ASN B 71 -2.55 28.68 -5.90
N ASP B 72 -2.38 29.85 -6.49
CA ASP B 72 -2.57 31.10 -5.75
C ASP B 72 -4.02 31.56 -5.83
N LEU B 73 -4.87 30.67 -6.34
CA LEU B 73 -6.25 31.00 -6.70
C LEU B 73 -7.04 31.66 -5.59
N SER B 74 -7.57 32.83 -5.88
CA SER B 74 -8.29 33.63 -4.92
C SER B 74 -9.79 33.46 -5.16
N ILE B 75 -10.25 33.91 -6.32
CA ILE B 75 -11.67 33.72 -6.64
C ILE B 75 -11.86 33.01 -7.98
N ILE B 76 -13.07 32.50 -8.17
CA ILE B 76 -13.40 31.69 -9.32
C ILE B 76 -14.73 32.14 -9.88
N HIS B 77 -14.74 32.47 -11.17
CA HIS B 77 -15.96 32.87 -11.88
C HIS B 77 -16.97 31.73 -11.81
N PRO B 78 -18.26 32.07 -11.58
CA PRO B 78 -19.32 31.07 -11.47
C PRO B 78 -19.35 30.07 -12.62
N MET B 79 -18.98 30.51 -13.81
CA MET B 79 -19.05 29.65 -14.98
C MET B 79 -17.72 28.99 -15.34
N ALA B 80 -16.67 29.23 -14.53
CA ALA B 80 -15.33 28.76 -14.84
C ALA B 80 -15.27 27.25 -15.08
N LEU B 81 -16.25 26.53 -14.52
CA LEU B 81 -16.49 25.15 -14.92
C LEU B 81 -17.97 24.93 -15.20
N SER B 82 -18.24 24.59 -16.45
CA SER B 82 -19.58 24.37 -16.97
C SER B 82 -19.57 23.01 -17.66
N GLY B 83 -18.68 22.90 -18.64
CA GLY B 83 -18.59 21.73 -19.47
C GLY B 83 -18.24 20.41 -18.80
N LEU B 84 -17.99 20.41 -17.50
CA LEU B 84 -17.66 19.14 -16.90
C LEU B 84 -18.89 18.63 -16.18
N LYS B 85 -19.64 17.76 -16.85
CA LYS B 85 -20.75 17.07 -16.22
C LYS B 85 -20.31 15.64 -15.93
N GLU B 86 -19.13 15.30 -16.44
CA GLU B 86 -18.62 13.97 -16.21
C GLU B 86 -17.60 13.98 -15.07
N LEU B 87 -17.36 15.16 -14.48
CA LEU B 87 -16.28 15.31 -13.50
C LEU B 87 -16.65 14.62 -12.19
N LYS B 88 -15.85 13.62 -11.80
CA LYS B 88 -16.06 12.92 -10.53
C LYS B 88 -15.23 13.41 -9.31
N VAL B 89 -14.15 14.15 -9.57
CA VAL B 89 -13.25 14.58 -8.51
C VAL B 89 -12.65 15.95 -8.78
N LEU B 90 -12.70 16.81 -7.76
CA LEU B 90 -12.26 18.19 -7.89
C LEU B 90 -11.43 18.56 -6.66
N THR B 91 -10.16 18.87 -6.88
CA THR B 91 -9.29 19.15 -5.75
C THR B 91 -8.83 20.60 -5.78
N LEU B 92 -9.41 21.39 -4.88
CA LEU B 92 -9.10 22.80 -4.73
C LEU B 92 -8.15 23.16 -3.59
N GLN B 93 -7.56 22.16 -2.93
CA GLN B 93 -6.80 22.37 -1.69
C GLN B 93 -5.58 23.28 -1.84
N ASN B 94 -5.17 23.87 -0.70
CA ASN B 94 -3.98 24.72 -0.63
C ASN B 94 -4.04 25.99 -1.49
N ASN B 95 -5.20 26.64 -1.51
CA ASN B 95 -5.39 27.82 -2.33
C ASN B 95 -5.87 28.98 -1.48
N GLN B 96 -6.18 30.12 -2.10
CA GLN B 96 -6.52 31.31 -1.34
C GLN B 96 -8.01 31.54 -1.07
N LEU B 97 -8.87 30.56 -1.36
CA LEU B 97 -10.31 30.76 -1.23
C LEU B 97 -10.72 31.27 0.16
N LYS B 98 -11.40 32.42 0.18
CA LYS B 98 -11.90 33.02 1.41
C LYS B 98 -13.36 32.62 1.58
N THR B 99 -13.88 31.91 0.58
CA THR B 99 -15.26 31.45 0.59
C THR B 99 -15.46 30.23 -0.31
N VAL B 100 -16.50 29.46 -0.01
CA VAL B 100 -16.83 28.27 -0.80
C VAL B 100 -17.40 28.69 -2.15
N PRO B 101 -16.74 28.27 -3.24
CA PRO B 101 -17.13 28.64 -4.61
C PRO B 101 -18.47 28.02 -4.97
N SER B 102 -19.53 28.50 -4.31
CA SER B 102 -20.86 27.90 -4.40
C SER B 102 -21.39 27.85 -5.83
N GLU B 103 -21.25 28.95 -6.54
CA GLU B 103 -21.91 29.09 -7.83
C GLU B 103 -21.24 28.21 -8.89
N SER B 104 -19.92 28.14 -8.82
CA SER B 104 -19.13 27.36 -9.76
C SER B 104 -19.39 25.85 -9.60
N LEU B 105 -19.81 25.46 -8.41
CA LEU B 105 -20.08 24.04 -8.13
C LEU B 105 -21.49 23.70 -8.54
N LYS B 106 -22.23 24.71 -9.01
CA LYS B 106 -23.52 24.43 -9.63
C LYS B 106 -23.27 23.61 -10.90
N GLY B 107 -23.96 22.48 -10.96
CA GLY B 107 -23.87 21.62 -12.12
C GLY B 107 -22.61 20.82 -12.29
N LEU B 108 -21.95 20.45 -11.20
CA LEU B 108 -21.03 19.34 -11.33
C LEU B 108 -21.80 18.17 -10.72
N VAL B 109 -22.50 17.45 -11.59
CA VAL B 109 -23.60 16.60 -11.19
C VAL B 109 -23.10 15.19 -10.96
N SER B 110 -21.87 14.96 -11.40
CA SER B 110 -21.23 13.66 -11.28
C SER B 110 -20.27 13.60 -10.11
N LEU B 111 -20.11 14.71 -9.40
CA LEU B 111 -18.99 14.89 -8.46
C LEU B 111 -19.13 13.99 -7.24
N GLN B 112 -18.15 13.09 -7.07
CA GLN B 112 -18.00 12.28 -5.85
C GLN B 112 -16.94 12.73 -4.79
N SER B 113 -16.02 13.62 -5.17
CA SER B 113 -14.95 14.05 -4.25
C SER B 113 -14.70 15.55 -4.41
N LEU B 114 -14.84 16.28 -3.31
CA LEU B 114 -14.58 17.70 -3.34
C LEU B 114 -13.63 18.05 -2.20
N ARG B 115 -12.41 18.46 -2.56
CA ARG B 115 -11.48 18.93 -1.55
C ARG B 115 -11.36 20.45 -1.61
N LEU B 116 -12.01 21.11 -0.65
CA LEU B 116 -11.82 22.53 -0.34
C LEU B 116 -10.90 22.78 0.87
N ASP B 117 -10.30 21.71 1.39
CA ASP B 117 -9.44 21.79 2.56
C ASP B 117 -8.16 22.60 2.35
N ALA B 118 -7.62 23.14 3.45
CA ALA B 118 -6.41 23.98 3.43
C ALA B 118 -6.56 25.27 2.66
N ASN B 119 -7.69 25.93 2.85
CA ASN B 119 -7.85 27.26 2.31
C ASN B 119 -8.12 28.23 3.44
N HIS B 120 -8.40 29.48 3.09
CA HIS B 120 -8.69 30.52 4.07
C HIS B 120 -10.19 30.66 4.31
N ILE B 121 -10.98 29.69 3.84
CA ILE B 121 -12.42 29.86 3.75
C ILE B 121 -13.04 30.26 5.10
N VAL B 122 -13.62 31.47 5.12
CA VAL B 122 -14.37 31.99 6.25
C VAL B 122 -15.83 31.60 6.21
N THR B 123 -16.41 31.71 5.02
CA THR B 123 -17.86 31.64 4.86
C THR B 123 -18.31 30.61 3.79
N VAL B 124 -19.47 30.01 4.03
CA VAL B 124 -20.08 29.08 3.10
C VAL B 124 -21.47 29.58 2.67
N PRO B 125 -21.64 29.91 1.37
CA PRO B 125 -22.94 30.45 0.89
C PRO B 125 -24.05 29.42 0.98
N GLU B 126 -25.23 29.82 1.48
CA GLU B 126 -26.29 28.90 1.90
C GLU B 126 -26.67 27.82 0.89
N ASP B 127 -26.49 28.12 -0.39
CA ASP B 127 -26.87 27.22 -1.48
C ASP B 127 -25.72 26.33 -1.94
N SER B 128 -24.60 26.36 -1.21
CA SER B 128 -23.45 25.53 -1.55
C SER B 128 -23.82 24.05 -1.66
N PHE B 129 -23.24 23.39 -2.68
CA PHE B 129 -23.37 21.94 -2.90
C PHE B 129 -24.80 21.50 -3.23
N GLU B 130 -25.58 22.41 -3.79
CA GLU B 130 -26.99 22.15 -4.00
C GLU B 130 -27.26 20.97 -4.93
N GLY B 131 -26.57 20.91 -6.06
CA GLY B 131 -26.86 19.86 -7.00
C GLY B 131 -26.04 18.59 -6.86
N LEU B 132 -25.13 18.53 -5.90
CA LEU B 132 -24.20 17.43 -5.94
C LEU B 132 -24.88 16.31 -5.18
N VAL B 133 -25.51 15.42 -5.94
CA VAL B 133 -26.32 14.35 -5.38
C VAL B 133 -25.49 13.10 -5.29
N GLN B 134 -24.34 13.12 -5.99
CA GLN B 134 -23.45 11.97 -6.02
C GLN B 134 -22.25 12.05 -5.08
N LEU B 135 -22.13 13.16 -4.34
CA LEU B 135 -20.95 13.43 -3.51
C LEU B 135 -20.76 12.42 -2.40
N ARG B 136 -19.50 12.04 -2.23
CA ARG B 136 -19.07 11.00 -1.31
C ARG B 136 -18.23 11.57 -0.18
N HIS B 137 -17.22 12.32 -0.59
CA HIS B 137 -16.20 12.84 0.27
C HIS B 137 -16.21 14.33 0.12
N LEU B 138 -16.40 15.01 1.24
CA LEU B 138 -16.27 16.46 1.29
C LEU B 138 -15.23 16.85 2.36
N TRP B 139 -14.20 17.56 1.91
CA TRP B 139 -13.14 18.00 2.78
C TRP B 139 -13.32 19.49 2.96
N LEU B 140 -13.77 19.89 4.15
CA LEU B 140 -13.79 21.31 4.51
C LEU B 140 -12.66 21.75 5.44
N ASP B 141 -11.76 20.84 5.77
CA ASP B 141 -10.87 21.08 6.90
C ASP B 141 -9.82 22.16 6.68
N ASP B 142 -9.07 22.48 7.73
CA ASP B 142 -7.96 23.43 7.65
C ASP B 142 -8.40 24.79 7.12
N ASN B 143 -9.58 25.23 7.53
CA ASN B 143 -10.09 26.54 7.14
C ASN B 143 -10.48 27.43 8.31
N SER B 144 -11.05 28.57 7.99
CA SER B 144 -11.46 29.58 8.98
C SER B 144 -12.94 29.44 9.37
N LEU B 145 -13.54 28.32 8.99
CA LEU B 145 -14.97 28.10 9.21
C LEU B 145 -15.36 28.39 10.64
N THR B 146 -16.35 29.27 10.78
CA THR B 146 -16.76 29.66 12.10
C THR B 146 -17.89 28.80 12.68
N GLU B 147 -18.58 28.07 11.80
CA GLU B 147 -19.70 27.22 12.19
C GLU B 147 -20.00 26.12 11.15
N VAL B 148 -20.67 25.06 11.58
CA VAL B 148 -21.07 24.01 10.67
C VAL B 148 -22.24 24.48 9.83
N PRO B 149 -22.09 24.40 8.50
CA PRO B 149 -22.99 24.86 7.44
C PRO B 149 -24.16 23.92 7.23
N ILE B 150 -25.23 24.10 8.00
CA ILE B 150 -26.35 23.18 8.00
C ILE B 150 -27.05 23.12 6.65
N ARG B 151 -27.32 24.29 6.10
CA ARG B 151 -28.03 24.36 4.83
C ARG B 151 -27.21 23.65 3.75
N PRO B 152 -25.95 24.10 3.51
CA PRO B 152 -25.18 23.40 2.46
C PRO B 152 -25.09 21.88 2.66
N LEU B 153 -25.03 21.39 3.88
CA LEU B 153 -24.93 19.94 4.09
C LEU B 153 -26.26 19.22 3.94
N SER B 154 -27.36 19.97 3.92
CA SER B 154 -28.66 19.33 3.74
C SER B 154 -28.85 18.82 2.28
N ASN B 155 -27.95 19.26 1.39
CA ASN B 155 -28.01 18.93 -0.03
C ASN B 155 -27.20 17.71 -0.40
N LEU B 156 -26.62 17.04 0.59
CA LEU B 156 -25.66 15.98 0.32
C LEU B 156 -26.09 14.66 0.92
N PRO B 157 -27.17 14.08 0.41
CA PRO B 157 -27.66 12.81 0.96
C PRO B 157 -26.75 11.61 0.68
N SER B 158 -25.83 11.72 -0.28
CA SER B 158 -24.96 10.58 -0.59
C SER B 158 -23.67 10.58 0.19
N LEU B 159 -23.40 11.67 0.91
CA LEU B 159 -22.09 11.89 1.51
C LEU B 159 -21.72 10.71 2.40
N GLN B 160 -20.55 10.12 2.19
CA GLN B 160 -20.07 9.08 3.10
C GLN B 160 -19.04 9.54 4.15
N ALA B 161 -18.38 10.65 3.85
CA ALA B 161 -17.31 11.13 4.68
C ALA B 161 -17.16 12.64 4.62
N LEU B 162 -16.97 13.23 5.80
CA LEU B 162 -16.89 14.68 5.90
C LEU B 162 -15.80 15.10 6.93
N THR B 163 -14.94 16.06 6.54
CA THR B 163 -14.04 16.67 7.52
C THR B 163 -14.30 18.16 7.71
N LEU B 164 -14.76 18.51 8.91
CA LEU B 164 -14.81 19.89 9.38
C LEU B 164 -13.65 20.23 10.32
N ALA B 165 -12.71 19.31 10.45
CA ALA B 165 -11.61 19.46 11.38
C ALA B 165 -10.77 20.70 11.10
N LEU B 166 -10.02 21.13 12.11
CA LEU B 166 -9.12 22.28 12.02
C LEU B 166 -9.76 23.60 11.63
N ASN B 167 -10.98 23.81 12.09
CA ASN B 167 -11.66 25.07 11.91
C ASN B 167 -11.90 25.75 13.25
N LYS B 168 -12.64 26.86 13.24
CA LYS B 168 -12.94 27.67 14.43
C LYS B 168 -14.27 27.36 15.12
N ILE B 169 -14.94 26.28 14.72
CA ILE B 169 -16.28 25.94 15.24
C ILE B 169 -16.38 25.86 16.79
N SER B 170 -17.28 26.62 17.38
CA SER B 170 -17.47 26.52 18.84
C SER B 170 -18.65 25.68 19.34
N HIS B 171 -19.62 25.41 18.48
CA HIS B 171 -20.84 24.74 18.90
C HIS B 171 -21.49 23.98 17.76
N ILE B 172 -22.05 22.81 18.06
CA ILE B 172 -22.72 22.04 17.02
C ILE B 172 -24.19 21.96 17.36
N PRO B 173 -25.01 22.70 16.60
CA PRO B 173 -26.45 22.81 16.82
C PRO B 173 -27.13 21.45 16.70
N ASP B 174 -28.35 21.33 17.22
CA ASP B 174 -29.13 20.11 17.03
C ASP B 174 -29.33 19.97 15.53
N TYR B 175 -29.48 18.74 15.04
CA TYR B 175 -29.83 18.47 13.62
C TYR B 175 -28.95 19.16 12.58
N ALA B 176 -27.65 19.23 12.85
CA ALA B 176 -26.74 19.93 11.96
C ALA B 176 -26.40 19.02 10.78
N PHE B 177 -26.32 17.73 11.11
CA PHE B 177 -26.02 16.65 10.17
C PHE B 177 -27.23 15.83 9.76
N SER B 178 -28.41 16.33 10.14
CA SER B 178 -29.65 15.55 10.07
C SER B 178 -29.95 14.88 8.75
N ASN B 179 -29.56 15.49 7.64
CA ASN B 179 -29.85 14.92 6.33
C ASN B 179 -28.79 13.95 5.75
N LEU B 180 -27.68 13.70 6.45
CA LEU B 180 -26.70 12.82 5.83
C LEU B 180 -26.83 11.41 6.39
N SER B 181 -27.58 10.56 5.69
CA SER B 181 -27.87 9.24 6.23
C SER B 181 -26.89 8.22 5.72
N SER B 182 -26.08 8.64 4.77
CA SER B 182 -25.11 7.73 4.18
C SER B 182 -23.76 7.90 4.83
N LEU B 183 -23.66 8.88 5.72
CA LEU B 183 -22.37 9.32 6.26
C LEU B 183 -21.73 8.28 7.18
N VAL B 184 -20.52 7.85 6.86
CA VAL B 184 -19.85 6.85 7.69
C VAL B 184 -18.78 7.46 8.59
N VAL B 185 -18.31 8.63 8.21
CA VAL B 185 -17.11 9.20 8.81
C VAL B 185 -17.33 10.68 9.02
N LEU B 186 -17.27 11.12 10.29
CA LEU B 186 -17.37 12.54 10.62
C LEU B 186 -16.18 12.97 11.46
N HIS B 187 -15.42 13.95 10.95
CA HIS B 187 -14.20 14.43 11.59
C HIS B 187 -14.34 15.88 12.02
N LEU B 188 -14.42 16.08 13.34
CA LEU B 188 -14.43 17.41 13.98
C LEU B 188 -13.16 17.88 14.72
N HIS B 189 -12.14 17.05 14.73
CA HIS B 189 -10.99 17.29 15.59
C HIS B 189 -10.29 18.63 15.39
N ASN B 190 -9.74 19.17 16.48
CA ASN B 190 -9.01 20.43 16.44
C ASN B 190 -9.90 21.58 16.03
N ASN B 191 -11.11 21.55 16.57
CA ASN B 191 -11.95 22.73 16.54
C ASN B 191 -11.95 23.33 17.94
N LYS B 192 -12.77 24.34 18.13
CA LYS B 192 -12.99 24.97 19.42
C LYS B 192 -14.22 24.45 20.18
N ILE B 193 -14.84 23.36 19.71
CA ILE B 193 -16.20 23.04 20.17
C ILE B 193 -16.32 22.94 21.70
N ARG B 194 -17.15 23.82 22.28
CA ARG B 194 -17.49 23.75 23.71
C ARG B 194 -18.84 23.14 24.02
N THR B 195 -19.70 23.07 23.01
CA THR B 195 -21.12 22.78 23.26
C THR B 195 -21.68 21.86 22.20
N LEU B 196 -22.37 20.81 22.63
CA LEU B 196 -23.02 19.92 21.70
C LEU B 196 -24.48 19.90 22.06
N GLY B 197 -25.34 20.22 21.10
CA GLY B 197 -26.76 20.05 21.30
C GLY B 197 -27.06 18.58 21.51
N PRO B 198 -28.07 18.27 22.34
CA PRO B 198 -28.43 16.88 22.64
C PRO B 198 -28.73 16.07 21.38
N HIS B 199 -29.35 16.73 20.40
CA HIS B 199 -29.66 16.12 19.09
C HIS B 199 -28.66 16.41 17.96
N CYS B 200 -27.50 16.98 18.27
CA CYS B 200 -26.52 17.33 17.23
C CYS B 200 -26.27 16.21 16.22
N PHE B 201 -26.24 14.97 16.70
CA PHE B 201 -25.95 13.82 15.84
C PHE B 201 -27.17 13.06 15.32
N HIS B 202 -28.35 13.55 15.60
CA HIS B 202 -29.54 12.85 15.15
C HIS B 202 -29.54 12.73 13.62
N GLY B 203 -30.01 11.59 13.12
CA GLY B 203 -30.07 11.38 11.69
C GLY B 203 -28.97 10.49 11.12
N LEU B 204 -27.85 10.36 11.82
CA LEU B 204 -26.77 9.61 11.23
C LEU B 204 -26.76 8.22 11.84
N ASP B 205 -27.45 7.30 11.19
CA ASP B 205 -27.58 5.98 11.78
C ASP B 205 -26.57 5.05 11.16
N ASN B 206 -25.87 5.53 10.14
CA ASN B 206 -24.78 4.78 9.50
C ASN B 206 -23.38 5.15 9.94
N LEU B 207 -23.25 6.13 10.83
CA LEU B 207 -21.94 6.65 11.17
C LEU B 207 -21.23 5.62 12.02
N GLU B 208 -20.08 5.16 11.53
CA GLU B 208 -19.20 4.29 12.29
C GLU B 208 -18.00 5.01 12.94
N ALA B 209 -17.72 6.22 12.51
CA ALA B 209 -16.49 6.88 12.92
C ALA B 209 -16.70 8.36 13.24
N LEU B 210 -16.33 8.72 14.47
CA LEU B 210 -16.48 10.09 14.94
C LEU B 210 -15.22 10.57 15.63
N ASP B 211 -14.72 11.72 15.18
CA ASP B 211 -13.53 12.33 15.78
C ASP B 211 -13.88 13.66 16.45
N LEU B 212 -13.92 13.68 17.77
CA LEU B 212 -14.05 14.91 18.56
C LEU B 212 -12.75 15.45 19.18
N ASN B 213 -11.62 14.84 18.86
CA ASN B 213 -10.36 15.13 19.53
C ASN B 213 -9.89 16.58 19.41
N TYR B 214 -9.01 16.96 20.34
CA TYR B 214 -8.43 18.31 20.42
C TYR B 214 -9.51 19.35 20.30
N ASN B 215 -10.53 19.23 21.13
CA ASN B 215 -11.54 20.26 21.28
C ASN B 215 -11.63 20.70 22.75
N ASN B 216 -12.63 21.53 23.01
CA ASN B 216 -12.94 22.12 24.32
C ASN B 216 -14.07 21.51 25.17
N LEU B 217 -14.50 20.30 24.83
CA LEU B 217 -15.64 19.67 25.50
C LEU B 217 -15.50 19.57 27.03
N ILE B 218 -16.62 19.67 27.74
CA ILE B 218 -16.66 19.52 29.20
C ILE B 218 -17.56 18.39 29.69
N ASP B 219 -18.85 18.42 29.36
CA ASP B 219 -19.68 17.26 29.69
C ASP B 219 -19.30 16.10 28.78
N PHE B 220 -19.51 14.90 29.29
CA PHE B 220 -19.50 13.74 28.42
C PHE B 220 -20.50 13.99 27.31
N PRO B 221 -20.13 13.65 26.06
CA PRO B 221 -21.00 13.91 24.90
C PRO B 221 -22.01 12.79 24.69
N ASP B 222 -23.12 12.84 25.42
CA ASP B 222 -24.13 11.77 25.36
C ASP B 222 -24.94 11.80 24.07
N SER B 223 -24.70 12.85 23.26
CA SER B 223 -25.22 12.95 21.91
C SER B 223 -24.93 11.70 21.08
N ILE B 224 -23.82 11.04 21.37
CA ILE B 224 -23.43 9.82 20.66
C ILE B 224 -24.46 8.70 20.84
N ARG B 225 -25.47 8.90 21.68
CA ARG B 225 -26.53 7.91 21.85
C ARG B 225 -27.35 7.82 20.56
N SER B 226 -27.17 8.81 19.68
CA SER B 226 -27.85 8.85 18.41
C SER B 226 -27.11 8.01 17.35
N LEU B 227 -26.05 7.32 17.78
CA LEU B 227 -25.12 6.65 16.86
C LEU B 227 -25.07 5.13 17.05
N PRO B 228 -26.09 4.42 16.54
CA PRO B 228 -26.16 2.97 16.75
C PRO B 228 -25.09 2.21 15.96
N ASN B 229 -24.53 2.83 14.93
CA ASN B 229 -23.50 2.12 14.17
C ASN B 229 -22.04 2.43 14.50
N LEU B 230 -21.83 3.23 15.55
CA LEU B 230 -20.51 3.69 15.95
C LEU B 230 -19.51 2.56 16.21
N LYS B 231 -18.36 2.66 15.57
CA LYS B 231 -17.30 1.67 15.67
C LYS B 231 -16.14 2.33 16.39
N GLU B 232 -15.71 3.46 15.84
CA GLU B 232 -14.57 4.21 16.34
C GLU B 232 -14.95 5.61 16.89
N LEU B 233 -14.55 5.86 18.15
CA LEU B 233 -14.81 7.13 18.81
C LEU B 233 -13.55 7.77 19.41
N GLY B 234 -13.09 8.90 18.87
CA GLY B 234 -12.14 9.69 19.64
C GLY B 234 -12.72 10.90 20.36
N PHE B 235 -12.53 11.02 21.67
CA PHE B 235 -12.67 12.30 22.39
C PHE B 235 -11.44 12.92 23.11
N HIS B 236 -10.25 12.37 22.85
CA HIS B 236 -9.04 12.75 23.56
C HIS B 236 -8.66 14.23 23.44
N SER B 237 -7.85 14.68 24.38
CA SER B 237 -7.48 16.09 24.48
C SER B 237 -8.68 17.01 24.54
N ASN B 238 -9.54 16.77 25.51
CA ASN B 238 -10.64 17.69 25.80
C ASN B 238 -10.59 18.11 27.26
N SER B 239 -11.64 18.76 27.72
CA SER B 239 -11.79 19.07 29.14
C SER B 239 -12.74 18.15 29.95
N ILE B 240 -13.24 17.06 29.38
CA ILE B 240 -14.20 16.19 30.08
C ILE B 240 -13.74 15.65 31.46
N THR B 241 -14.57 15.87 32.48
CA THR B 241 -14.24 15.44 33.84
C THR B 241 -14.87 14.12 34.31
N ILE B 242 -15.85 13.63 33.56
CA ILE B 242 -16.66 12.52 34.04
C ILE B 242 -17.02 11.58 32.89
N ILE B 243 -16.84 10.28 33.11
CA ILE B 243 -17.35 9.26 32.20
C ILE B 243 -18.43 8.48 32.95
N PRO B 244 -19.70 8.77 32.66
CA PRO B 244 -20.79 8.04 33.33
C PRO B 244 -20.73 6.53 33.14
N ASP B 245 -21.29 5.79 34.10
CA ASP B 245 -21.80 4.46 33.78
C ASP B 245 -22.96 4.82 32.86
N GLY B 246 -23.19 4.01 31.83
CA GLY B 246 -24.24 4.33 30.87
C GLY B 246 -23.76 5.17 29.72
N ALA B 247 -22.47 5.49 29.74
CA ALA B 247 -21.84 6.28 28.69
C ALA B 247 -22.04 5.70 27.28
N PHE B 248 -21.64 4.45 27.12
CA PHE B 248 -21.64 3.73 25.84
C PHE B 248 -22.78 2.74 25.63
N VAL B 249 -23.73 2.73 26.57
CA VAL B 249 -24.86 1.79 26.55
C VAL B 249 -25.60 1.72 25.20
N LYS B 250 -25.76 2.86 24.53
CA LYS B 250 -26.47 2.91 23.25
C LYS B 250 -25.55 2.74 22.00
N ASN B 251 -24.29 2.42 22.26
CA ASN B 251 -23.34 2.17 21.19
C ASN B 251 -22.68 0.81 21.35
N PRO B 252 -23.48 -0.27 21.21
CA PRO B 252 -23.01 -1.65 21.45
C PRO B 252 -21.96 -2.15 20.45
N LEU B 253 -21.76 -1.45 19.35
CA LEU B 253 -20.79 -1.94 18.36
C LEU B 253 -19.40 -1.31 18.43
N LEU B 254 -19.13 -0.48 19.43
CA LEU B 254 -17.84 0.19 19.52
C LEU B 254 -16.68 -0.80 19.59
N ARG B 255 -15.77 -0.71 18.62
CA ARG B 255 -14.48 -1.39 18.66
C ARG B 255 -13.36 -0.59 19.34
N THR B 256 -13.29 0.69 19.04
CA THR B 256 -12.20 1.54 19.53
C THR B 256 -12.65 2.82 20.24
N ILE B 257 -12.21 3.00 21.49
CA ILE B 257 -12.41 4.28 22.19
C ILE B 257 -11.09 4.95 22.67
N HIS B 258 -10.87 6.19 22.24
CA HIS B 258 -9.73 6.97 22.72
C HIS B 258 -10.19 8.09 23.66
N LEU B 259 -9.99 7.92 24.97
CA LEU B 259 -10.42 8.93 25.97
C LEU B 259 -9.34 9.81 26.57
N TYR B 260 -8.09 9.60 26.19
CA TYR B 260 -6.98 10.11 26.98
C TYR B 260 -6.86 11.64 26.92
N ASP B 261 -5.91 12.17 27.68
CA ASP B 261 -5.71 13.61 27.78
C ASP B 261 -6.98 14.40 28.13
N ASN B 262 -7.77 13.84 29.02
CA ASN B 262 -8.85 14.59 29.67
C ASN B 262 -8.61 14.59 31.17
N PRO B 263 -9.01 15.66 31.85
CA PRO B 263 -8.92 15.63 33.31
C PRO B 263 -10.03 14.76 33.86
N LEU B 264 -9.95 13.43 33.76
CA LEU B 264 -11.07 12.61 34.19
C LEU B 264 -10.91 12.44 35.68
N SER B 265 -11.84 13.05 36.42
CA SER B 265 -11.78 12.93 37.85
C SER B 265 -12.60 11.73 38.22
N PHE B 266 -13.42 11.29 37.27
CA PHE B 266 -14.32 10.21 37.56
C PHE B 266 -14.71 9.35 36.37
N VAL B 267 -14.80 8.06 36.62
CA VAL B 267 -15.13 7.11 35.57
C VAL B 267 -16.02 6.10 36.25
N GLY B 268 -17.23 5.89 35.73
CA GLY B 268 -18.06 4.80 36.22
C GLY B 268 -17.24 3.52 36.20
N ASN B 269 -17.39 2.68 37.22
CA ASN B 269 -16.67 1.42 37.25
C ASN B 269 -17.16 0.55 36.10
N SER B 270 -18.45 0.70 35.80
CA SER B 270 -19.14 -0.09 34.77
C SER B 270 -19.26 0.57 33.38
N ALA B 271 -18.74 1.80 33.24
CA ALA B 271 -18.80 2.58 32.00
C ALA B 271 -18.35 1.77 30.78
N PHE B 272 -17.39 0.90 31.00
CA PHE B 272 -16.87 0.05 29.95
C PHE B 272 -17.44 -1.38 29.94
N GLN B 273 -18.47 -1.59 30.74
CA GLN B 273 -19.21 -2.86 30.71
C GLN B 273 -19.96 -3.12 29.38
N ASN B 274 -20.08 -4.40 29.03
CA ASN B 274 -20.96 -4.87 27.94
C ASN B 274 -20.62 -4.39 26.54
N LEU B 275 -19.33 -4.20 26.28
CA LEU B 275 -18.92 -3.91 24.93
C LEU B 275 -18.12 -5.08 24.44
N SER B 276 -18.77 -5.90 23.62
CA SER B 276 -18.24 -7.18 23.18
C SER B 276 -17.42 -7.04 21.89
N ASP B 277 -17.57 -5.88 21.24
CA ASP B 277 -16.81 -5.59 20.03
C ASP B 277 -15.58 -4.74 20.32
N LEU B 278 -15.38 -4.35 21.57
CA LEU B 278 -14.37 -3.36 21.90
C LEU B 278 -12.99 -4.01 21.92
N HIS B 279 -12.15 -3.64 20.96
CA HIS B 279 -10.79 -4.18 20.86
C HIS B 279 -9.69 -3.24 21.32
N PHE B 280 -9.98 -1.94 21.36
CA PHE B 280 -8.93 -1.00 21.69
C PHE B 280 -9.47 0.06 22.60
N LEU B 281 -8.89 0.14 23.79
CA LEU B 281 -9.35 1.10 24.76
C LEU B 281 -8.17 1.87 25.34
N ILE B 282 -8.14 3.18 25.11
CA ILE B 282 -7.04 4.02 25.58
C ILE B 282 -7.50 5.08 26.62
N ILE B 283 -6.97 4.95 27.84
CA ILE B 283 -7.21 5.88 28.94
C ILE B 283 -5.88 6.36 29.55
N ARG B 284 -5.59 7.65 29.41
CA ARG B 284 -4.36 8.18 29.98
C ARG B 284 -4.51 9.51 30.68
N GLY B 285 -3.69 9.72 31.69
CA GLY B 285 -3.55 11.03 32.33
C GLY B 285 -4.84 11.38 33.03
N ALA B 286 -5.53 10.37 33.56
CA ALA B 286 -6.70 10.71 34.34
C ALA B 286 -6.18 10.77 35.72
N SER B 287 -5.94 11.98 36.22
CA SER B 287 -5.15 12.13 37.46
C SER B 287 -5.95 11.65 38.66
N ASN B 288 -7.15 12.21 38.83
CA ASN B 288 -7.90 11.98 40.06
C ASN B 288 -8.65 10.63 40.10
N VAL B 289 -8.79 10.00 38.94
CA VAL B 289 -9.53 8.75 38.87
C VAL B 289 -8.77 7.75 39.73
N GLN B 290 -9.48 7.15 40.68
CA GLN B 290 -8.81 6.27 41.61
C GLN B 290 -8.83 4.79 41.27
N TRP B 291 -9.68 4.36 40.35
CA TRP B 291 -9.84 2.91 40.23
C TRP B 291 -10.18 2.27 38.91
N PHE B 292 -10.22 0.94 38.98
CA PHE B 292 -10.31 0.02 37.86
C PHE B 292 -11.71 -0.05 37.21
N PRO B 293 -11.79 -0.58 35.97
CA PRO B 293 -13.03 -0.97 35.26
C PRO B 293 -13.57 -2.37 35.60
N ASN B 294 -14.90 -2.51 35.49
CA ASN B 294 -15.60 -3.78 35.72
C ASN B 294 -15.42 -4.77 34.56
N LEU B 295 -15.58 -4.27 33.34
CA LEU B 295 -15.03 -4.92 32.16
C LEU B 295 -15.60 -6.29 31.75
N THR B 296 -16.84 -6.57 32.18
CA THR B 296 -17.64 -7.59 31.51
C THR B 296 -18.76 -6.76 30.94
N GLY B 297 -19.30 -7.09 29.77
CA GLY B 297 -19.01 -8.28 28.99
C GLY B 297 -17.87 -8.08 28.00
N THR B 298 -16.93 -7.21 28.35
CA THR B 298 -15.87 -6.92 27.41
C THR B 298 -14.79 -7.95 27.67
N ASN B 299 -14.83 -9.04 26.91
CA ASN B 299 -13.81 -10.08 26.99
C ASN B 299 -12.87 -10.11 25.78
N ASN B 300 -13.21 -9.34 24.77
CA ASN B 300 -12.57 -9.45 23.47
C ASN B 300 -11.49 -8.42 23.24
N LEU B 301 -11.19 -7.69 24.29
CA LEU B 301 -10.21 -6.62 24.30
C LEU B 301 -8.84 -7.05 23.75
N GLU B 302 -8.34 -6.29 22.79
CA GLU B 302 -7.11 -6.57 22.05
C GLU B 302 -5.93 -5.75 22.63
N SER B 303 -6.11 -4.44 22.70
CA SER B 303 -5.14 -3.56 23.33
C SER B 303 -5.77 -2.66 24.44
N LEU B 304 -5.18 -2.73 25.64
CA LEU B 304 -5.67 -1.90 26.76
C LEU B 304 -4.60 -0.96 27.31
N THR B 305 -4.87 0.33 27.31
CA THR B 305 -3.98 1.29 27.97
C THR B 305 -4.70 1.99 29.13
N LEU B 306 -4.23 1.79 30.37
CA LEU B 306 -4.76 2.53 31.51
C LEU B 306 -3.62 3.14 32.31
N THR B 307 -3.42 4.46 32.21
CA THR B 307 -2.25 5.07 32.83
C THR B 307 -2.56 6.43 33.46
N GLY B 308 -1.77 6.83 34.45
CA GLY B 308 -1.92 8.14 35.06
C GLY B 308 -2.87 8.19 36.26
N THR B 309 -3.05 7.06 36.92
CA THR B 309 -4.06 6.90 37.96
C THR B 309 -3.56 6.36 39.30
N LYS B 310 -4.52 6.01 40.15
CA LYS B 310 -4.27 5.48 41.49
C LYS B 310 -4.39 3.95 41.68
N ILE B 311 -4.79 3.18 40.66
CA ILE B 311 -5.06 1.74 40.86
C ILE B 311 -3.89 0.99 41.52
N ARG B 312 -4.20 0.13 42.50
CA ARG B 312 -3.19 -0.70 43.16
C ARG B 312 -2.98 -2.12 42.60
N SER B 313 -3.92 -2.67 41.84
CA SER B 313 -3.83 -4.07 41.38
C SER B 313 -4.89 -4.53 40.36
N ILE B 314 -4.81 -5.81 39.97
CA ILE B 314 -5.65 -6.36 38.89
C ILE B 314 -6.23 -7.78 39.17
N PRO B 315 -7.50 -8.02 38.79
CA PRO B 315 -8.24 -9.25 39.14
C PRO B 315 -7.74 -10.51 38.42
N ILE B 316 -8.00 -11.68 39.00
CA ILE B 316 -7.62 -12.97 38.39
C ILE B 316 -8.44 -13.27 37.14
N LYS B 317 -9.69 -12.80 37.14
CA LYS B 317 -10.61 -13.02 36.02
C LYS B 317 -10.06 -12.37 34.76
N PHE B 318 -9.22 -11.36 34.96
CA PHE B 318 -8.66 -10.58 33.87
C PHE B 318 -8.06 -11.47 32.77
N CYS B 319 -7.22 -12.43 33.14
CA CYS B 319 -6.61 -13.28 32.12
C CYS B 319 -7.30 -14.64 31.88
N GLN B 320 -8.34 -14.92 32.65
CA GLN B 320 -9.24 -16.02 32.33
C GLN B 320 -10.14 -15.59 31.17
N GLU B 321 -10.71 -14.40 31.29
CA GLU B 321 -11.67 -13.90 30.31
C GLU B 321 -11.09 -13.24 29.05
N GLN B 322 -10.00 -12.50 29.20
CA GLN B 322 -9.42 -11.89 28.02
C GLN B 322 -8.42 -12.88 27.48
N LYS B 323 -8.78 -13.56 26.42
CA LYS B 323 -7.83 -14.41 25.74
C LYS B 323 -7.27 -13.74 24.50
N MET B 324 -7.83 -12.57 24.18
CA MET B 324 -7.48 -11.85 22.97
C MET B 324 -6.39 -10.81 23.19
N LEU B 325 -6.10 -10.51 24.46
CA LEU B 325 -5.28 -9.36 24.81
C LEU B 325 -3.84 -9.51 24.34
N ARG B 326 -3.35 -8.52 23.61
CA ARG B 326 -2.02 -8.54 22.99
C ARG B 326 -1.08 -7.52 23.64
N THR B 327 -1.48 -6.25 23.64
CA THR B 327 -0.75 -5.23 24.40
C THR B 327 -1.50 -4.72 25.64
N LEU B 328 -0.75 -4.58 26.72
CA LEU B 328 -1.29 -4.06 27.98
C LEU B 328 -0.37 -2.97 28.55
N ASP B 329 -0.87 -1.74 28.66
CA ASP B 329 -0.04 -0.67 29.20
C ASP B 329 -0.66 -0.18 30.51
N LEU B 330 -0.07 -0.64 31.61
CA LEU B 330 -0.45 -0.28 32.98
C LEU B 330 0.47 0.76 33.63
N SER B 331 1.35 1.35 32.83
CA SER B 331 2.41 2.18 33.37
C SER B 331 1.87 3.39 34.16
N TYR B 332 2.73 3.96 35.01
CA TYR B 332 2.47 5.28 35.57
C TYR B 332 1.17 5.30 36.38
N ASN B 333 1.06 4.33 37.26
CA ASN B 333 -0.03 4.23 38.17
C ASN B 333 0.56 4.11 39.57
N GLU B 334 -0.28 3.83 40.55
CA GLU B 334 0.18 3.60 41.91
C GLU B 334 0.33 2.12 42.23
N ILE B 335 0.24 1.26 41.22
CA ILE B 335 0.16 -0.18 41.45
C ILE B 335 1.30 -0.74 42.32
N SER B 336 0.90 -1.39 43.43
CA SER B 336 1.84 -2.02 44.35
C SER B 336 2.00 -3.54 44.22
N ALA B 337 1.20 -4.20 43.38
CA ALA B 337 1.18 -5.66 43.38
C ALA B 337 0.73 -6.30 42.06
N LEU B 338 1.13 -7.54 41.82
CA LEU B 338 0.86 -8.18 40.52
C LEU B 338 0.31 -9.62 40.55
N VAL B 339 -0.89 -9.80 40.01
CA VAL B 339 -1.48 -11.14 39.85
C VAL B 339 -0.73 -11.93 38.77
N GLY B 340 -0.90 -13.25 38.75
CA GLY B 340 -0.42 -14.06 37.63
C GLY B 340 -1.02 -13.64 36.30
N PHE B 341 -0.17 -13.53 35.28
CA PHE B 341 -0.57 -13.19 33.92
C PHE B 341 -0.71 -14.37 32.93
N GLU B 342 -0.52 -15.60 33.41
CA GLU B 342 -0.47 -16.78 32.53
C GLU B 342 -1.66 -16.92 31.58
N GLY B 343 -2.83 -16.50 32.04
CA GLY B 343 -4.08 -16.68 31.33
C GLY B 343 -4.21 -16.04 29.96
N CYS B 344 -3.80 -14.77 29.82
CA CYS B 344 -4.03 -14.13 28.54
C CYS B 344 -2.82 -14.45 27.72
N SER B 345 -3.03 -15.40 26.82
CA SER B 345 -1.95 -16.10 26.16
C SER B 345 -1.44 -15.27 25.00
N SER B 346 -2.24 -14.28 24.62
CA SER B 346 -1.97 -13.53 23.41
C SER B 346 -1.04 -12.36 23.68
N LEU B 347 -0.59 -12.24 24.93
CA LEU B 347 0.16 -11.06 25.36
C LEU B 347 1.52 -11.00 24.69
N GLU B 348 1.73 -9.98 23.87
CA GLU B 348 3.05 -9.71 23.32
C GLU B 348 3.78 -8.55 23.98
N GLU B 349 3.04 -7.73 24.71
CA GLU B 349 3.62 -6.52 25.29
C GLU B 349 2.98 -6.17 26.63
N VAL B 350 3.81 -5.97 27.64
CA VAL B 350 3.31 -5.59 28.95
C VAL B 350 4.17 -4.47 29.54
N TYR B 351 3.55 -3.32 29.78
CA TYR B 351 4.32 -2.21 30.30
C TYR B 351 3.87 -1.82 31.71
N LEU B 352 4.66 -2.21 32.70
CA LEU B 352 4.35 -1.95 34.11
C LEU B 352 5.11 -0.78 34.72
N GLN B 353 5.89 -0.05 33.92
CA GLN B 353 6.87 0.90 34.46
C GLN B 353 6.29 2.13 35.18
N ASN B 354 7.11 2.76 36.02
CA ASN B 354 6.71 3.91 36.87
C ASN B 354 5.51 3.64 37.78
N ASN B 355 5.56 2.53 38.51
CA ASN B 355 4.60 2.21 39.55
C ASN B 355 5.29 2.04 40.90
N GLN B 356 4.53 1.63 41.91
CA GLN B 356 5.07 1.35 43.24
C GLN B 356 5.34 -0.15 43.53
N ILE B 357 5.21 -1.01 42.53
CA ILE B 357 5.34 -2.47 42.75
C ILE B 357 6.66 -2.92 43.40
N GLN B 358 6.52 -3.67 44.50
CA GLN B 358 7.65 -4.23 45.25
C GLN B 358 8.27 -5.58 44.86
N GLU B 359 7.47 -6.56 44.47
CA GLU B 359 8.05 -7.88 44.19
C GLU B 359 7.35 -8.69 43.11
N VAL B 360 8.05 -9.70 42.58
CA VAL B 360 7.54 -10.53 41.50
C VAL B 360 7.85 -12.02 41.74
N GLN B 361 6.90 -12.90 41.43
CA GLN B 361 7.05 -14.34 41.63
C GLN B 361 7.31 -15.13 40.33
N ASN B 362 7.42 -16.46 40.44
CA ASN B 362 7.74 -17.32 39.29
C ASN B 362 6.71 -17.35 38.19
N GLU B 363 5.52 -17.80 38.58
CA GLU B 363 4.47 -18.18 37.64
C GLU B 363 3.69 -16.97 37.15
N THR B 364 4.00 -15.80 37.70
CA THR B 364 3.34 -14.55 37.34
C THR B 364 3.36 -14.36 35.83
N PHE B 365 4.53 -14.57 35.23
CA PHE B 365 4.67 -14.50 33.77
C PHE B 365 4.67 -15.86 33.04
N GLN B 366 4.35 -16.92 33.79
CA GLN B 366 4.32 -18.30 33.28
C GLN B 366 3.49 -18.53 32.00
N GLY B 367 4.02 -19.33 31.09
CA GLY B 367 3.27 -19.79 29.93
C GLY B 367 2.84 -18.73 28.94
N LEU B 368 3.57 -17.61 28.89
CA LEU B 368 3.28 -16.59 27.91
C LEU B 368 4.27 -16.71 26.78
N ALA B 369 3.79 -17.23 25.66
CA ALA B 369 4.65 -17.58 24.53
C ALA B 369 5.06 -16.42 23.63
N ALA B 370 4.11 -15.52 23.34
CA ALA B 370 4.33 -14.49 22.32
C ALA B 370 4.93 -13.18 22.84
N LEU B 371 5.27 -13.13 24.14
CA LEU B 371 5.61 -11.87 24.76
C LEU B 371 7.03 -11.43 24.40
N ARG B 372 7.13 -10.38 23.58
CA ARG B 372 8.42 -9.80 23.23
C ARG B 372 8.95 -8.77 24.22
N MET B 373 8.04 -8.00 24.79
CA MET B 373 8.42 -6.78 25.51
C MET B 373 7.81 -6.66 26.89
N LEU B 374 8.68 -6.59 27.89
CA LEU B 374 8.25 -6.42 29.27
C LEU B 374 8.99 -5.28 29.93
N ASP B 375 8.25 -4.26 30.34
CA ASP B 375 8.89 -3.12 30.98
C ASP B 375 8.45 -3.06 32.44
N LEU B 376 9.35 -3.44 33.32
CA LEU B 376 9.16 -3.33 34.76
C LEU B 376 9.92 -2.17 35.37
N SER B 377 10.56 -1.36 34.54
CA SER B 377 11.49 -0.35 35.04
C SER B 377 10.85 0.72 35.92
N ARG B 378 11.69 1.40 36.72
CA ARG B 378 11.23 2.49 37.58
C ARG B 378 10.14 2.00 38.48
N ASN B 379 10.43 0.92 39.20
CA ASN B 379 9.60 0.47 40.27
C ASN B 379 10.43 0.38 41.53
N ARG B 380 9.83 -0.12 42.60
CA ARG B 380 10.53 -0.26 43.87
C ARG B 380 11.06 -1.65 44.06
N ILE B 381 10.89 -2.51 43.05
CA ILE B 381 11.06 -3.94 43.29
C ILE B 381 12.41 -4.29 43.93
N HIS B 382 12.28 -4.96 45.08
CA HIS B 382 13.40 -5.29 45.96
C HIS B 382 13.97 -6.68 45.70
N THR B 383 13.26 -7.47 44.89
CA THR B 383 13.72 -8.81 44.52
C THR B 383 12.80 -9.50 43.51
N ILE B 384 13.34 -10.52 42.86
CA ILE B 384 12.68 -11.24 41.77
C ILE B 384 13.03 -12.71 41.90
N HIS B 385 12.02 -13.58 41.78
CA HIS B 385 12.26 -15.02 41.84
C HIS B 385 13.02 -15.51 40.61
N LYS B 386 13.90 -16.48 40.83
CA LYS B 386 14.86 -16.91 39.82
C LYS B 386 14.22 -17.60 38.63
N GLU B 387 13.10 -18.27 38.84
CA GLU B 387 12.50 -19.03 37.75
C GLU B 387 11.38 -18.32 36.97
N ALA B 388 11.12 -17.06 37.29
CA ALA B 388 10.06 -16.29 36.65
C ALA B 388 10.16 -16.19 35.11
N PHE B 389 11.31 -15.75 34.61
CA PHE B 389 11.48 -15.46 33.19
C PHE B 389 11.93 -16.67 32.36
N VAL B 390 12.01 -17.83 32.99
CA VAL B 390 12.49 -19.02 32.28
C VAL B 390 11.58 -19.37 31.11
N THR B 391 10.29 -19.09 31.29
CA THR B 391 9.25 -19.55 30.40
C THR B 391 8.94 -18.60 29.25
N LEU B 392 9.46 -17.40 29.32
CA LEU B 392 9.04 -16.35 28.39
C LEU B 392 9.97 -16.29 27.19
N LYS B 393 9.49 -16.78 26.06
CA LYS B 393 10.26 -16.68 24.84
C LYS B 393 9.66 -15.57 23.99
N ALA B 394 10.20 -15.42 22.78
CA ALA B 394 9.98 -14.26 21.91
C ALA B 394 10.58 -12.99 22.53
N LEU B 395 11.03 -13.09 23.78
CA LEU B 395 11.32 -11.92 24.57
C LEU B 395 12.63 -11.36 24.10
N THR B 396 12.58 -10.20 23.45
CA THR B 396 13.79 -9.48 23.07
C THR B 396 14.11 -8.32 24.01
N ASN B 397 13.12 -7.90 24.79
CA ASN B 397 13.25 -6.70 25.59
C ASN B 397 12.74 -6.91 27.00
N LEU B 398 13.66 -6.79 27.95
CA LEU B 398 13.28 -6.88 29.34
C LEU B 398 13.90 -5.69 30.05
N ASP B 399 13.05 -4.82 30.58
CA ASP B 399 13.56 -3.67 31.30
C ASP B 399 13.31 -3.82 32.80
N LEU B 400 14.39 -4.11 33.52
CA LEU B 400 14.39 -4.14 34.97
C LEU B 400 15.05 -2.93 35.58
N SER B 401 15.48 -1.99 34.74
CA SER B 401 16.25 -0.86 35.26
C SER B 401 15.49 0.03 36.27
N PHE B 402 16.23 0.69 37.15
CA PHE B 402 15.71 1.63 38.13
C PHE B 402 14.77 1.03 39.14
N ASN B 403 15.23 -0.09 39.68
CA ASN B 403 14.63 -0.70 40.83
C ASN B 403 15.57 -0.73 42.03
N ASP B 404 15.09 -1.38 43.07
CA ASP B 404 15.83 -1.48 44.30
C ASP B 404 16.60 -2.81 44.39
N LEU B 405 16.58 -3.62 43.31
CA LEU B 405 17.14 -4.97 43.39
C LEU B 405 18.69 -5.09 43.50
N THR B 406 19.11 -6.00 44.38
CA THR B 406 20.52 -6.18 44.73
C THR B 406 21.23 -7.29 43.92
N ALA B 407 20.45 -8.08 43.19
CA ALA B 407 21.00 -9.19 42.39
C ALA B 407 20.19 -9.41 41.13
N PHE B 408 20.88 -9.67 40.01
CA PHE B 408 20.23 -9.83 38.70
C PHE B 408 19.92 -11.29 38.32
N PRO B 409 18.63 -11.62 38.10
CA PRO B 409 18.24 -12.98 37.71
C PRO B 409 18.61 -13.40 36.28
N THR B 410 18.52 -14.71 36.06
CA THR B 410 18.60 -15.39 34.78
C THR B 410 17.79 -16.63 35.11
N ALA B 411 17.31 -17.41 34.15
CA ALA B 411 17.58 -17.34 32.73
C ALA B 411 16.26 -17.79 32.09
N GLY B 412 16.18 -17.96 30.76
CA GLY B 412 17.12 -17.37 29.83
C GLY B 412 16.87 -15.87 29.78
N LEU B 413 17.88 -15.12 30.19
CA LEU B 413 18.01 -13.74 29.78
C LEU B 413 19.03 -13.76 28.66
N HIS B 414 19.47 -14.99 28.36
CA HIS B 414 20.43 -15.26 27.31
C HIS B 414 19.76 -15.12 25.94
N GLY B 415 20.42 -14.36 25.06
CA GLY B 415 19.96 -14.24 23.69
C GLY B 415 18.98 -13.11 23.43
N LEU B 416 18.49 -12.48 24.50
CA LEU B 416 17.59 -11.33 24.35
C LEU B 416 18.38 -10.20 23.73
N ASN B 417 17.72 -9.39 22.92
CA ASN B 417 18.41 -8.31 22.25
C ASN B 417 18.70 -7.18 23.21
N GLN B 418 17.74 -6.88 24.08
CA GLN B 418 17.91 -5.88 25.12
C GLN B 418 17.53 -6.38 26.52
N LEU B 419 18.49 -6.24 27.44
CA LEU B 419 18.22 -6.43 28.86
C LEU B 419 18.71 -5.19 29.61
N LYS B 420 17.78 -4.41 30.18
CA LYS B 420 18.18 -3.23 30.95
C LYS B 420 18.15 -3.52 32.46
N LEU B 421 19.36 -3.58 33.04
CA LEU B 421 19.58 -3.74 34.47
C LEU B 421 20.04 -2.44 35.18
N THR B 422 20.16 -1.37 34.41
CA THR B 422 20.69 -0.09 34.92
C THR B 422 20.00 0.50 36.17
N GLY B 423 20.78 1.12 37.05
CA GLY B 423 20.22 1.90 38.14
C GLY B 423 19.72 1.09 39.33
N ASN B 424 20.07 -0.20 39.36
CA ASN B 424 19.82 -1.02 40.54
C ASN B 424 21.03 -1.00 41.47
N PRO B 425 20.79 -1.03 42.79
CA PRO B 425 21.88 -0.93 43.77
C PRO B 425 22.61 -2.27 43.96
N ASN B 426 23.35 -2.75 42.96
CA ASN B 426 23.83 -4.12 43.05
C ASN B 426 25.17 -4.13 43.79
N PHE B 427 25.12 -4.63 45.02
CA PHE B 427 26.26 -4.52 45.92
C PHE B 427 27.41 -5.43 45.47
N LYS B 428 27.08 -6.66 45.10
CA LYS B 428 28.10 -7.62 44.67
C LYS B 428 28.96 -7.14 43.48
N GLU B 429 28.34 -6.59 42.45
CA GLU B 429 29.07 -6.14 41.25
C GLU B 429 30.02 -4.95 41.49
N THR B 430 29.67 -4.08 42.44
CA THR B 430 30.50 -2.93 42.81
C THR B 430 31.91 -3.33 43.30
N LEU B 431 32.04 -4.55 43.79
CA LEU B 431 33.25 -5.03 44.44
C LEU B 431 34.31 -5.42 43.40
C1 NAG C . 36.13 -3.47 -19.43
C2 NAG C . 37.54 -4.02 -19.48
C3 NAG C . 38.54 -2.91 -19.75
C4 NAG C . 38.16 -2.13 -21.01
C5 NAG C . 36.69 -1.70 -20.97
C6 NAG C . 36.20 -1.15 -22.30
C7 NAG C . 38.28 -6.03 -18.30
C8 NAG C . 38.34 -6.67 -19.65
N2 NAG C . 37.89 -4.75 -18.28
O3 NAG C . 39.84 -3.47 -19.90
O4 NAG C . 38.98 -0.98 -21.16
O5 NAG C . 35.83 -2.81 -20.67
O6 NAG C . 36.06 -2.20 -23.24
O7 NAG C . 38.56 -6.64 -17.27
C1 NAG D . 39.72 1.19 12.05
C2 NAG D . 40.84 1.86 12.87
C3 NAG D . 40.28 2.98 13.76
C4 NAG D . 39.46 3.96 12.92
C5 NAG D . 38.38 3.21 12.16
C6 NAG D . 37.56 4.10 11.25
C7 NAG D . 42.72 0.34 13.36
C8 NAG D . 43.31 -0.61 14.35
N2 NAG D . 41.56 0.89 13.70
O3 NAG D . 41.35 3.66 14.39
O4 NAG D . 38.87 4.94 13.77
O5 NAG D . 38.99 2.21 11.32
O6 NAG D . 38.32 4.61 10.16
O7 NAG D . 43.28 0.60 12.28
#